data_9BS4
#
_entry.id   9BS4
#
_cell.length_a   71.288
_cell.length_b   117.244
_cell.length_c   101.558
_cell.angle_alpha   90.000
_cell.angle_beta   96.710
_cell.angle_gamma   90.000
#
_symmetry.space_group_name_H-M   'P 1 21 1'
#
loop_
_entity.id
_entity.type
_entity.pdbx_description
1 polymer 'DNA ligase 1'
2 polymer "DNA (5'-D(*GP*CP*TP*GP*AP*TP*GP*CP*GP*TP*G)-3')"
3 polymer "DNA/RNA (5'-R(P*G)-D(P*TP*CP*GP*GP*AP*C)-3')"
4 polymer "DNA (5'-D(*GP*TP*CP*CP*GP*AP*CP*CP*AP*CP*GP*CP*AP*TP*CP*AP*GP*C)-3')"
5 non-polymer 'ADENOSINE MONOPHOSPHATE'
6 water water
#
loop_
_entity_poly.entity_id
_entity_poly.type
_entity_poly.pdbx_seq_one_letter_code
_entity_poly.pdbx_strand_id
1 'polypeptide(L)'
;LDPSGYNPAKNNYHPVEDACWKPGQKVPYLAVARTFEKIEEVSARLRMVETLSNLLRSVVALSPPDLLPVLYLSLNHLGP
PQQGLALGVGDGVLLKAVAQATGRQLESVRAEAAEKGDVGLVAENSRSTQRLMLPPPPLTASGVFSKFRDIARLTGSAST
AKKIDIIKGLFVACRHSEARFIARSLSGRLRLGLAEQSVLAALSQAVSLTPPGQEFPPAMVDAGKGKTAEARKTWLEEQG
MILKQTFCEVPDLDRIIPVLLEHGLERLPEHCKLSPGIPLKPMLAHPTRGISEVLKRFEEAAFTCEYKYDGQRAQIHALE
GGEVKIFSRNQADNTGKYPDIISRIPKIKLPSVTSFILDTEAVAWDREKKQIQPFQVLTTRKRKEVDASEIQVQVCLYAF
DLIYLNGESLVREPLSRRRQLLRENFVETEGEFVFATSLDTKDIEQIAEFLEQSVKDSCEGLMVKTLDVDATYEIAKRSH
NWLKLKKDYLDGVGDTLDLVVIGAYLGRGKRAGRYGGFLLASYDEDSEELQAICKLGTGFSDEELEEHHQSLKALVLPSP
RPYVRIDGAVIPDHWLDPSAVWEVKCADLSLSPIYPAARGLVDSDKGISLRFPRFIRVREDKQPEQATTSAQVACLYRKQ
SQIQ
;
A,E
2 'polydeoxyribonucleotide' (DG)(DC)(DT)(DG)(DA)(DT)(DG)(DC)(DG)(DT)(DG) B,F
3 'polydeoxyribonucleotide/polyribonucleotide hybrid' G(DT)(DC)(DG)(DG)(DA)(DC) C,G
4 'polydeoxyribonucleotide' (DG)(DT)(DC)(DC)(DG)(DA)(DC)(DC)(DA)(DC)(DG)(DC)(DA)(DT)(DC)(DA)(DG)(DC) D,H
#
loop_
_chem_comp.id
_chem_comp.type
_chem_comp.name
_chem_comp.formula
AMP non-polymer 'ADENOSINE MONOPHOSPHATE' 'C10 H14 N5 O7 P'
DA DNA linking 2'-DEOXYADENOSINE-5'-MONOPHOSPHATE 'C10 H14 N5 O6 P'
DC DNA linking 2'-DEOXYCYTIDINE-5'-MONOPHOSPHATE 'C9 H14 N3 O7 P'
DG DNA linking 2'-DEOXYGUANOSINE-5'-MONOPHOSPHATE 'C10 H14 N5 O7 P'
DT DNA linking THYMIDINE-5'-MONOPHOSPHATE 'C10 H15 N2 O8 P'
G RNA linking GUANOSINE-5'-MONOPHOSPHATE 'C10 H14 N5 O8 P'
#
# COMPACT_ATOMS: atom_id res chain seq x y z
N ASP A 2 -35.68 -13.47 -2.94
CA ASP A 2 -35.22 -13.97 -4.23
C ASP A 2 -33.74 -13.70 -4.41
N PRO A 3 -32.93 -14.77 -4.38
CA PRO A 3 -31.46 -14.59 -4.38
C PRO A 3 -30.92 -13.95 -5.64
N SER A 4 -31.66 -13.98 -6.76
CA SER A 4 -31.14 -13.44 -8.01
C SER A 4 -30.99 -11.93 -7.97
N GLY A 5 -31.63 -11.24 -7.03
CA GLY A 5 -31.50 -9.81 -6.91
C GLY A 5 -30.64 -9.39 -5.73
N TYR A 6 -30.05 -10.37 -5.05
CA TYR A 6 -29.19 -10.11 -3.90
C TYR A 6 -28.08 -9.13 -4.28
N ASN A 7 -27.88 -8.11 -3.44
CA ASN A 7 -26.96 -7.01 -3.74
C ASN A 7 -26.12 -6.68 -2.53
N PRO A 8 -25.08 -7.49 -2.24
CA PRO A 8 -24.20 -7.19 -1.12
C PRO A 8 -23.28 -6.01 -1.37
N ALA A 9 -23.42 -5.31 -2.49
CA ALA A 9 -22.63 -4.12 -2.78
C ALA A 9 -23.42 -2.83 -2.54
N LYS A 10 -24.62 -2.92 -1.98
CA LYS A 10 -25.41 -1.73 -1.69
C LYS A 10 -24.88 -1.02 -0.45
N ASN A 11 -25.03 0.30 -0.44
CA ASN A 11 -24.75 1.08 0.74
C ASN A 11 -25.87 0.90 1.76
N ASN A 12 -25.54 1.07 3.03
CA ASN A 12 -26.48 0.79 4.11
C ASN A 12 -27.05 -0.62 3.98
N TYR A 13 -26.14 -1.58 3.94
CA TYR A 13 -26.51 -2.98 3.86
C TYR A 13 -26.97 -3.45 5.24
N HIS A 14 -28.19 -3.96 5.32
CA HIS A 14 -28.70 -4.54 6.55
C HIS A 14 -28.47 -6.05 6.54
N PRO A 15 -27.79 -6.61 7.54
CA PRO A 15 -27.49 -8.05 7.50
C PRO A 15 -28.71 -8.96 7.50
N VAL A 16 -29.85 -8.51 8.01
CA VAL A 16 -31.06 -9.33 8.05
C VAL A 16 -32.01 -9.00 6.92
N GLU A 17 -32.39 -7.72 6.78
CA GLU A 17 -33.43 -7.35 5.83
C GLU A 17 -32.94 -7.39 4.39
N ASP A 18 -31.66 -7.08 4.15
CA ASP A 18 -31.12 -7.11 2.80
C ASP A 18 -30.62 -8.48 2.38
N ALA A 19 -30.75 -9.50 3.23
CA ALA A 19 -30.37 -10.84 2.84
C ALA A 19 -31.47 -11.49 2.00
N CYS A 20 -31.10 -12.51 1.25
CA CYS A 20 -32.02 -13.21 0.37
C CYS A 20 -32.35 -14.62 0.88
N TRP A 21 -32.38 -14.79 2.20
CA TRP A 21 -32.84 -16.03 2.81
C TRP A 21 -33.23 -15.74 4.26
N LYS A 22 -33.95 -16.66 4.84
CA LYS A 22 -34.55 -16.47 6.16
C LYS A 22 -33.66 -17.02 7.25
N PRO A 23 -33.75 -16.49 8.48
CA PRO A 23 -32.91 -17.00 9.56
C PRO A 23 -33.12 -18.48 9.80
N GLY A 24 -32.04 -19.17 10.13
CA GLY A 24 -32.09 -20.58 10.42
C GLY A 24 -32.04 -21.50 9.22
N GLN A 25 -32.34 -21.01 8.03
CA GLN A 25 -32.24 -21.84 6.84
C GLN A 25 -30.86 -21.70 6.20
N LYS A 26 -30.60 -22.52 5.19
CA LYS A 26 -29.27 -22.60 4.61
C LYS A 26 -29.02 -21.46 3.64
N VAL A 27 -27.77 -20.99 3.60
CA VAL A 27 -27.34 -19.96 2.66
C VAL A 27 -27.40 -20.54 1.25
N PRO A 28 -28.14 -19.93 0.33
CA PRO A 28 -28.17 -20.46 -1.04
C PRO A 28 -26.91 -20.11 -1.79
N TYR A 29 -26.48 -21.04 -2.67
CA TYR A 29 -25.26 -20.80 -3.43
C TYR A 29 -25.41 -19.58 -4.34
N LEU A 30 -26.64 -19.23 -4.72
CA LEU A 30 -26.85 -18.06 -5.54
C LEU A 30 -26.44 -16.78 -4.82
N ALA A 31 -26.59 -16.76 -3.48
CA ALA A 31 -26.09 -15.63 -2.72
C ALA A 31 -24.57 -15.53 -2.82
N VAL A 32 -23.87 -16.66 -2.76
CA VAL A 32 -22.42 -16.63 -2.91
C VAL A 32 -22.04 -16.22 -4.32
N ALA A 33 -22.74 -16.76 -5.33
CA ALA A 33 -22.45 -16.41 -6.71
C ALA A 33 -22.65 -14.93 -6.97
N ARG A 34 -23.76 -14.37 -6.48
CA ARG A 34 -24.04 -12.95 -6.68
C ARG A 34 -23.02 -12.07 -5.96
N THR A 35 -22.54 -12.51 -4.80
CA THR A 35 -21.45 -11.79 -4.15
C THR A 35 -20.21 -11.81 -5.01
N PHE A 36 -19.90 -12.96 -5.63
CA PHE A 36 -18.77 -13.04 -6.54
C PHE A 36 -18.94 -12.09 -7.71
N GLU A 37 -20.18 -11.93 -8.19
CA GLU A 37 -20.44 -11.01 -9.30
C GLU A 37 -20.16 -9.57 -8.90
N LYS A 38 -20.65 -9.16 -7.73
CA LYS A 38 -20.46 -7.78 -7.29
C LYS A 38 -19.01 -7.48 -6.94
N ILE A 39 -18.29 -8.47 -6.42
CA ILE A 39 -16.87 -8.28 -6.11
C ILE A 39 -16.08 -8.01 -7.38
N GLU A 40 -16.44 -8.67 -8.47
CA GLU A 40 -15.75 -8.45 -9.74
C GLU A 40 -16.18 -7.16 -10.43
N GLU A 41 -17.38 -6.64 -10.15
CA GLU A 41 -17.86 -5.42 -10.78
C GLU A 41 -17.22 -4.18 -10.17
N VAL A 42 -17.25 -4.04 -8.85
CA VAL A 42 -16.67 -2.86 -8.21
C VAL A 42 -15.17 -2.80 -8.51
N SER A 43 -14.64 -1.59 -8.55
CA SER A 43 -13.28 -1.33 -9.03
C SER A 43 -12.40 -0.74 -7.93
N ALA A 44 -12.50 -1.29 -6.72
CA ALA A 44 -11.66 -0.85 -5.61
C ALA A 44 -11.58 -1.96 -4.59
N ARG A 45 -10.35 -2.27 -4.14
CA ARG A 45 -10.17 -3.39 -3.23
C ARG A 45 -10.95 -3.19 -1.93
N LEU A 46 -11.03 -1.96 -1.44
CA LEU A 46 -11.82 -1.70 -0.23
C LEU A 46 -13.28 -2.07 -0.44
N ARG A 47 -13.82 -1.80 -1.64
CA ARG A 47 -15.20 -2.15 -1.92
C ARG A 47 -15.39 -3.65 -2.08
N MET A 48 -14.40 -4.36 -2.64
CA MET A 48 -14.50 -5.81 -2.74
C MET A 48 -14.50 -6.46 -1.36
N VAL A 49 -13.68 -5.94 -0.45
CA VAL A 49 -13.70 -6.47 0.91
C VAL A 49 -15.04 -6.18 1.57
N GLU A 50 -15.56 -4.96 1.41
CA GLU A 50 -16.82 -4.60 2.04
C GLU A 50 -17.97 -5.46 1.50
N THR A 51 -17.98 -5.71 0.19
CA THR A 51 -19.04 -6.52 -0.41
C THR A 51 -19.01 -7.94 0.13
N LEU A 52 -17.82 -8.54 0.22
CA LEU A 52 -17.71 -9.88 0.77
C LEU A 52 -18.07 -9.89 2.24
N SER A 53 -17.68 -8.83 2.97
CA SER A 53 -18.03 -8.72 4.37
C SER A 53 -19.53 -8.70 4.58
N ASN A 54 -20.27 -8.03 3.69
CA ASN A 54 -21.71 -7.95 3.85
C ASN A 54 -22.36 -9.32 3.75
N LEU A 55 -21.83 -10.19 2.89
CA LEU A 55 -22.32 -11.56 2.82
C LEU A 55 -22.03 -12.31 4.11
N LEU A 56 -20.83 -12.12 4.68
CA LEU A 56 -20.51 -12.84 5.90
C LEU A 56 -21.32 -12.34 7.09
N ARG A 57 -21.64 -11.05 7.11
CA ARG A 57 -22.51 -10.51 8.17
C ARG A 57 -23.87 -11.19 8.16
N SER A 58 -24.49 -11.31 6.98
CA SER A 58 -25.74 -12.04 6.86
C SER A 58 -25.57 -13.51 7.25
N VAL A 59 -24.44 -14.11 6.86
CA VAL A 59 -24.20 -15.50 7.25
C VAL A 59 -24.07 -15.60 8.76
N VAL A 60 -23.41 -14.63 9.39
CA VAL A 60 -23.25 -14.68 10.83
C VAL A 60 -24.58 -14.46 11.54
N ALA A 61 -25.41 -13.54 11.03
CA ALA A 61 -26.66 -13.23 11.73
C ALA A 61 -27.69 -14.33 11.56
N LEU A 62 -27.76 -14.94 10.37
CA LEU A 62 -28.84 -15.86 10.05
C LEU A 62 -28.46 -17.32 10.02
N SER A 63 -27.22 -17.67 9.64
CA SER A 63 -26.85 -19.06 9.40
C SER A 63 -25.40 -19.30 9.81
N PRO A 64 -25.10 -19.22 11.11
CA PRO A 64 -23.69 -19.37 11.57
C PRO A 64 -23.04 -20.65 11.09
N PRO A 65 -23.71 -21.81 11.15
CA PRO A 65 -23.05 -23.05 10.72
C PRO A 65 -22.61 -23.06 9.26
N ASP A 66 -23.03 -22.10 8.44
CA ASP A 66 -22.61 -22.02 7.04
C ASP A 66 -21.39 -21.12 6.83
N LEU A 67 -20.87 -20.50 7.89
CA LEU A 67 -19.74 -19.59 7.71
C LEU A 67 -18.52 -20.31 7.17
N LEU A 68 -18.21 -21.49 7.71
CA LEU A 68 -17.04 -22.23 7.25
C LEU A 68 -17.15 -22.62 5.78
N PRO A 69 -18.24 -23.21 5.27
CA PRO A 69 -18.29 -23.50 3.83
C PRO A 69 -18.19 -22.26 2.97
N VAL A 70 -18.85 -21.17 3.37
CA VAL A 70 -18.80 -19.95 2.57
C VAL A 70 -17.38 -19.40 2.50
N LEU A 71 -16.63 -19.49 3.61
CA LEU A 71 -15.25 -19.05 3.57
C LEU A 71 -14.42 -19.92 2.64
N TYR A 72 -14.58 -21.24 2.74
CA TYR A 72 -13.80 -22.14 1.89
C TYR A 72 -14.17 -21.97 0.43
N LEU A 73 -15.45 -21.70 0.14
CA LEU A 73 -15.85 -21.46 -1.25
C LEU A 73 -15.27 -20.16 -1.78
N SER A 74 -15.17 -19.14 -0.92
CA SER A 74 -14.59 -17.88 -1.34
CA SER A 74 -14.59 -17.88 -1.33
C SER A 74 -13.08 -18.01 -1.57
N LEU A 75 -12.42 -18.87 -0.81
CA LEU A 75 -10.99 -19.13 -0.97
C LEU A 75 -10.69 -20.19 -2.03
N ASN A 76 -11.72 -20.84 -2.58
CA ASN A 76 -11.57 -21.97 -3.50
C ASN A 76 -10.67 -23.05 -2.90
N HIS A 77 -10.96 -23.43 -1.66
CA HIS A 77 -10.25 -24.49 -0.98
C HIS A 77 -11.24 -25.50 -0.43
N LEU A 78 -10.73 -26.69 -0.11
CA LEU A 78 -11.54 -27.80 0.37
C LEU A 78 -11.42 -28.03 1.87
N GLY A 79 -10.41 -27.45 2.52
CA GLY A 79 -10.20 -27.61 3.93
C GLY A 79 -8.83 -27.10 4.35
N PRO A 80 -8.38 -27.49 5.54
CA PRO A 80 -7.05 -27.06 6.01
C PRO A 80 -5.96 -27.62 5.12
N PRO A 81 -4.90 -26.84 4.87
CA PRO A 81 -3.89 -27.27 3.88
C PRO A 81 -3.19 -28.57 4.22
N GLN A 82 -2.96 -28.86 5.50
CA GLN A 82 -2.24 -30.08 5.88
C GLN A 82 -3.01 -31.35 5.51
N GLN A 83 -4.32 -31.26 5.28
CA GLN A 83 -5.13 -32.45 4.98
C GLN A 83 -4.92 -32.96 3.55
N GLY A 84 -4.42 -32.13 2.65
CA GLY A 84 -4.07 -32.60 1.32
C GLY A 84 -5.23 -33.08 0.44
N LEU A 85 -6.37 -32.40 0.50
CA LEU A 85 -7.50 -32.71 -0.35
C LEU A 85 -7.36 -31.99 -1.68
N ALA A 86 -7.42 -32.75 -2.77
CA ALA A 86 -7.36 -32.18 -4.11
C ALA A 86 -8.52 -32.71 -4.93
N LEU A 87 -9.09 -31.85 -5.77
CA LEU A 87 -10.26 -32.24 -6.56
C LEU A 87 -9.95 -33.35 -7.55
N GLY A 88 -8.74 -33.36 -8.10
CA GLY A 88 -8.45 -34.29 -9.18
C GLY A 88 -9.21 -34.01 -10.46
N VAL A 89 -9.68 -32.78 -10.66
CA VAL A 89 -10.35 -32.38 -11.90
C VAL A 89 -9.65 -31.15 -12.46
N GLY A 90 -9.62 -31.07 -13.78
CA GLY A 90 -9.11 -29.89 -14.47
C GLY A 90 -10.03 -29.53 -15.61
N ASP A 91 -9.51 -28.86 -16.63
CA ASP A 91 -10.35 -28.52 -17.78
C ASP A 91 -10.78 -29.77 -18.53
N GLY A 92 -9.94 -30.81 -18.55
CA GLY A 92 -10.31 -32.03 -19.25
C GLY A 92 -11.54 -32.70 -18.66
N VAL A 93 -11.52 -32.95 -17.35
CA VAL A 93 -12.66 -33.60 -16.71
C VAL A 93 -13.87 -32.69 -16.75
N LEU A 94 -13.65 -31.38 -16.60
CA LEU A 94 -14.76 -30.43 -16.56
C LEU A 94 -15.44 -30.31 -17.92
N LEU A 95 -14.66 -30.31 -19.00
CA LEU A 95 -15.26 -30.18 -20.33
C LEU A 95 -16.04 -31.42 -20.70
N LYS A 96 -15.57 -32.60 -20.29
CA LYS A 96 -16.34 -33.82 -20.50
C LYS A 96 -17.69 -33.74 -19.79
N ALA A 97 -17.72 -33.15 -18.59
CA ALA A 97 -18.98 -33.01 -17.87
C ALA A 97 -19.89 -31.99 -18.54
N VAL A 98 -19.32 -30.88 -19.03
CA VAL A 98 -20.12 -29.88 -19.74
C VAL A 98 -20.71 -30.49 -21.01
N ALA A 99 -19.92 -31.26 -21.76
CA ALA A 99 -20.41 -31.87 -22.98
C ALA A 99 -21.49 -32.91 -22.68
N GLN A 100 -21.34 -33.65 -21.59
CA GLN A 100 -22.36 -34.63 -21.23
C GLN A 100 -23.62 -33.95 -20.71
N ALA A 101 -23.46 -32.92 -19.88
CA ALA A 101 -24.62 -32.22 -19.33
C ALA A 101 -25.44 -31.55 -20.42
N THR A 102 -24.79 -31.08 -21.49
CA THR A 102 -25.46 -30.41 -22.60
C THR A 102 -25.68 -31.32 -23.80
N GLY A 103 -25.24 -32.58 -23.73
CA GLY A 103 -25.44 -33.48 -24.85
C GLY A 103 -24.69 -33.11 -26.11
N ARG A 104 -23.67 -32.27 -26.00
CA ARG A 104 -22.88 -31.82 -27.13
C ARG A 104 -21.61 -32.66 -27.27
N GLN A 105 -21.00 -32.56 -28.45
CA GLN A 105 -19.75 -33.24 -28.70
C GLN A 105 -18.62 -32.58 -27.91
N LEU A 106 -17.64 -33.40 -27.49
CA LEU A 106 -16.53 -32.87 -26.71
C LEU A 106 -15.74 -31.83 -27.49
N GLU A 107 -15.55 -32.06 -28.79
CA GLU A 107 -14.76 -31.14 -29.60
C GLU A 107 -15.41 -29.76 -29.68
N SER A 108 -16.72 -29.73 -29.96
CA SER A 108 -17.41 -28.44 -30.03
C SER A 108 -17.38 -27.71 -28.70
N VAL A 109 -17.42 -28.44 -27.58
CA VAL A 109 -17.34 -27.82 -26.27
C VAL A 109 -15.90 -27.35 -26.01
N ARG A 110 -14.91 -28.13 -26.44
CA ARG A 110 -13.52 -27.72 -26.30
C ARG A 110 -13.24 -26.47 -27.12
N ALA A 111 -13.74 -26.41 -28.36
CA ALA A 111 -13.49 -25.27 -29.23
C ALA A 111 -14.15 -24.01 -28.69
N GLU A 112 -15.36 -24.14 -28.13
CA GLU A 112 -16.02 -22.98 -27.54
C GLU A 112 -15.29 -22.52 -26.29
N ALA A 113 -14.80 -23.46 -25.48
CA ALA A 113 -14.03 -23.09 -24.29
C ALA A 113 -12.73 -22.40 -24.68
N ALA A 114 -12.06 -22.91 -25.72
CA ALA A 114 -10.83 -22.30 -26.19
C ALA A 114 -11.06 -20.90 -26.75
N GLU A 115 -12.13 -20.72 -27.53
CA GLU A 115 -12.40 -19.42 -28.13
C GLU A 115 -12.73 -18.38 -27.08
N LYS A 116 -13.48 -18.76 -26.04
CA LYS A 116 -13.85 -17.84 -24.99
C LYS A 116 -12.87 -17.83 -23.83
N GLY A 117 -11.95 -18.79 -23.78
CA GLY A 117 -10.92 -18.81 -22.75
C GLY A 117 -11.43 -18.96 -21.34
N ASP A 118 -12.66 -19.43 -21.17
CA ASP A 118 -13.29 -19.53 -19.85
C ASP A 118 -14.34 -20.61 -19.92
N VAL A 119 -14.10 -21.73 -19.25
CA VAL A 119 -15.03 -22.84 -19.29
C VAL A 119 -16.32 -22.48 -18.57
N GLY A 120 -16.27 -21.55 -17.61
CA GLY A 120 -17.47 -21.16 -16.89
C GLY A 120 -18.52 -20.54 -17.79
N LEU A 121 -18.08 -19.86 -18.86
CA LEU A 121 -19.04 -19.28 -19.79
C LEU A 121 -19.71 -20.35 -20.65
N VAL A 122 -19.00 -21.43 -20.95
CA VAL A 122 -19.58 -22.51 -21.75
C VAL A 122 -20.65 -23.24 -20.95
N ALA A 123 -20.36 -23.56 -19.69
CA ALA A 123 -21.33 -24.28 -18.87
C ALA A 123 -22.55 -23.42 -18.56
N GLU A 124 -22.39 -22.10 -18.52
CA GLU A 124 -23.49 -21.21 -18.15
C GLU A 124 -24.41 -20.93 -19.34
N ASN A 125 -23.84 -20.52 -20.47
CA ASN A 125 -24.62 -20.10 -21.65
C ASN A 125 -25.47 -21.22 -22.24
N SER A 126 -25.37 -22.45 -21.74
CA SER A 126 -26.20 -23.54 -22.20
C SER A 126 -26.19 -24.63 -21.13
N ARG A 127 -27.37 -25.01 -20.65
CA ARG A 127 -27.45 -26.03 -19.61
C ARG A 127 -28.65 -26.96 -19.83
N PRO A 135 -38.29 -30.05 -11.51
CA PRO A 135 -37.09 -29.22 -11.37
C PRO A 135 -36.27 -29.58 -10.12
N PRO A 136 -34.97 -29.31 -10.14
CA PRO A 136 -34.14 -29.59 -8.97
C PRO A 136 -34.20 -28.45 -7.99
N PRO A 137 -34.11 -28.72 -6.69
CA PRO A 137 -34.13 -27.65 -5.68
C PRO A 137 -32.93 -26.74 -5.83
N PRO A 138 -32.98 -25.53 -5.28
CA PRO A 138 -31.85 -24.60 -5.45
C PRO A 138 -30.61 -25.09 -4.71
N LEU A 139 -29.46 -24.76 -5.28
CA LEU A 139 -28.19 -25.14 -4.65
C LEU A 139 -27.95 -24.31 -3.39
N THR A 140 -27.39 -24.96 -2.37
CA THR A 140 -26.97 -24.30 -1.15
C THR A 140 -25.45 -24.22 -1.11
N ALA A 141 -24.94 -23.29 -0.29
CA ALA A 141 -23.49 -23.14 -0.13
C ALA A 141 -22.87 -24.39 0.48
N SER A 142 -23.48 -24.89 1.56
CA SER A 142 -22.95 -26.11 2.17
C SER A 142 -23.12 -27.31 1.25
N GLY A 143 -24.20 -27.35 0.47
CA GLY A 143 -24.39 -28.46 -0.46
C GLY A 143 -23.33 -28.51 -1.55
N VAL A 144 -23.09 -27.38 -2.21
CA VAL A 144 -22.06 -27.33 -3.25
C VAL A 144 -20.70 -27.68 -2.66
N PHE A 145 -20.37 -27.09 -1.51
CA PHE A 145 -19.08 -27.36 -0.88
C PHE A 145 -18.93 -28.83 -0.51
N SER A 146 -20.04 -29.48 -0.10
CA SER A 146 -20.00 -30.90 0.19
C SER A 146 -19.75 -31.73 -1.06
N LYS A 147 -20.36 -31.32 -2.19
CA LYS A 147 -20.11 -32.01 -3.45
C LYS A 147 -18.66 -31.86 -3.89
N PHE A 148 -18.05 -30.70 -3.62
CA PHE A 148 -16.64 -30.51 -3.95
C PHE A 148 -15.78 -31.52 -3.22
N ARG A 149 -16.06 -31.75 -1.93
CA ARG A 149 -15.26 -32.70 -1.17
C ARG A 149 -15.57 -34.14 -1.57
N ASP A 150 -16.79 -34.40 -2.03
CA ASP A 150 -17.12 -35.74 -2.55
C ASP A 150 -16.26 -36.04 -3.78
N ILE A 151 -16.14 -35.08 -4.70
CA ILE A 151 -15.30 -35.25 -5.88
C ILE A 151 -13.85 -35.51 -5.47
N ALA A 152 -13.38 -34.79 -4.46
CA ALA A 152 -12.00 -34.95 -4.01
C ALA A 152 -11.76 -36.34 -3.44
N ARG A 153 -12.77 -36.93 -2.78
CA ARG A 153 -12.58 -38.23 -2.14
C ARG A 153 -12.52 -39.38 -3.14
N LEU A 154 -13.07 -39.19 -4.34
CA LEU A 154 -13.12 -40.26 -5.34
C LEU A 154 -11.76 -40.42 -6.00
N THR A 155 -11.17 -41.60 -5.85
CA THR A 155 -9.91 -41.93 -6.51
C THR A 155 -9.99 -43.34 -7.06
N GLY A 156 -8.97 -43.72 -7.84
CA GLY A 156 -8.85 -45.07 -8.34
C GLY A 156 -9.48 -45.27 -9.71
N SER A 157 -9.59 -46.53 -10.09
CA SER A 157 -10.17 -46.87 -11.38
C SER A 157 -11.63 -46.46 -11.45
N ALA A 158 -12.04 -45.98 -12.62
CA ALA A 158 -13.41 -45.55 -12.89
C ALA A 158 -13.87 -44.43 -11.97
N SER A 159 -12.93 -43.67 -11.40
CA SER A 159 -13.30 -42.55 -10.55
C SER A 159 -13.62 -41.28 -11.34
N THR A 160 -13.12 -41.17 -12.58
CA THR A 160 -13.43 -40.00 -13.39
C THR A 160 -14.92 -39.90 -13.67
N ALA A 161 -15.52 -41.02 -14.13
CA ALA A 161 -16.96 -41.05 -14.37
C ALA A 161 -17.75 -40.70 -13.12
N LYS A 162 -17.27 -41.11 -11.95
CA LYS A 162 -17.97 -40.79 -10.72
C LYS A 162 -17.87 -39.29 -10.42
N LYS A 163 -16.72 -38.68 -10.69
CA LYS A 163 -16.58 -37.24 -10.49
C LYS A 163 -17.48 -36.46 -11.43
N ILE A 164 -17.47 -36.84 -12.71
CA ILE A 164 -18.29 -36.14 -13.70
C ILE A 164 -19.76 -36.27 -13.35
N ASP A 165 -20.18 -37.40 -12.76
CA ASP A 165 -21.58 -37.54 -12.36
C ASP A 165 -21.95 -36.51 -11.30
N ILE A 166 -21.06 -36.26 -10.34
CA ILE A 166 -21.33 -35.24 -9.33
C ILE A 166 -21.32 -33.86 -9.97
N ILE A 167 -20.35 -33.60 -10.86
CA ILE A 167 -20.29 -32.31 -11.55
C ILE A 167 -21.54 -32.09 -12.39
N LYS A 168 -21.97 -33.12 -13.12
CA LYS A 168 -23.17 -33.02 -13.95
C LYS A 168 -24.38 -32.68 -13.10
N GLY A 169 -24.54 -33.35 -11.96
CA GLY A 169 -25.64 -33.01 -11.07
C GLY A 169 -25.60 -31.58 -10.59
N LEU A 170 -24.40 -30.99 -10.49
CA LEU A 170 -24.31 -29.59 -10.09
C LEU A 170 -24.82 -28.69 -11.21
N PHE A 171 -24.44 -28.98 -12.46
CA PHE A 171 -24.78 -28.09 -13.57
C PHE A 171 -26.28 -28.07 -13.84
N VAL A 172 -26.97 -29.20 -13.64
CA VAL A 172 -28.40 -29.23 -13.91
C VAL A 172 -29.17 -28.39 -12.89
N ALA A 173 -28.68 -28.31 -11.66
CA ALA A 173 -29.36 -27.53 -10.63
C ALA A 173 -28.95 -26.06 -10.62
N CYS A 174 -27.99 -25.67 -11.46
CA CYS A 174 -27.51 -24.30 -11.48
C CYS A 174 -28.53 -23.35 -12.10
N ARG A 175 -28.58 -22.13 -11.55
CA ARG A 175 -29.40 -21.06 -12.08
C ARG A 175 -28.57 -19.79 -12.16
N HIS A 176 -28.87 -18.97 -13.17
CA HIS A 176 -28.24 -17.66 -13.38
C HIS A 176 -26.73 -17.86 -13.54
N SER A 177 -25.89 -17.33 -12.64
CA SER A 177 -24.46 -17.36 -12.82
C SER A 177 -23.78 -18.46 -12.00
N GLU A 178 -24.56 -19.36 -11.40
CA GLU A 178 -23.99 -20.40 -10.56
C GLU A 178 -23.03 -21.29 -11.35
N ALA A 179 -23.42 -21.67 -12.57
CA ALA A 179 -22.61 -22.62 -13.33
C ALA A 179 -21.26 -22.02 -13.74
N ARG A 180 -21.20 -20.70 -13.94
CA ARG A 180 -19.93 -20.09 -14.33
C ARG A 180 -18.93 -20.12 -13.18
N PHE A 181 -19.39 -19.94 -11.95
CA PHE A 181 -18.49 -19.92 -10.80
C PHE A 181 -18.16 -21.31 -10.27
N ILE A 182 -19.09 -22.26 -10.42
CA ILE A 182 -18.77 -23.64 -10.08
C ILE A 182 -17.74 -24.18 -11.06
N ALA A 183 -17.88 -23.86 -12.35
CA ALA A 183 -16.92 -24.34 -13.35
C ALA A 183 -15.54 -23.72 -13.12
N ARG A 184 -15.48 -22.41 -12.91
CA ARG A 184 -14.19 -21.77 -12.67
C ARG A 184 -13.54 -22.32 -11.40
N SER A 185 -14.33 -22.56 -10.36
CA SER A 185 -13.78 -23.10 -9.12
C SER A 185 -13.22 -24.49 -9.34
N LEU A 186 -14.02 -25.37 -9.94
CA LEU A 186 -13.57 -26.74 -10.17
C LEU A 186 -12.29 -26.79 -11.00
N SER A 187 -12.07 -25.81 -11.88
CA SER A 187 -10.88 -25.81 -12.71
C SER A 187 -9.67 -25.21 -12.01
N GLY A 188 -9.85 -24.64 -10.83
CA GLY A 188 -8.74 -24.06 -10.10
C GLY A 188 -8.37 -22.65 -10.48
N ARG A 189 -9.24 -21.93 -11.19
CA ARG A 189 -9.01 -20.54 -11.56
C ARG A 189 -10.31 -19.78 -11.32
N LEU A 190 -10.60 -19.50 -10.05
CA LEU A 190 -11.80 -18.74 -9.71
C LEU A 190 -11.64 -17.27 -10.09
N ARG A 191 -10.43 -16.72 -9.95
CA ARG A 191 -10.13 -15.35 -10.33
C ARG A 191 -11.04 -14.36 -9.63
N LEU A 192 -11.29 -14.60 -8.34
CA LEU A 192 -12.16 -13.71 -7.58
C LEU A 192 -11.52 -12.34 -7.36
N GLY A 193 -10.20 -12.30 -7.27
CA GLY A 193 -9.50 -11.08 -6.91
C GLY A 193 -9.21 -10.93 -5.43
N LEU A 194 -9.79 -11.77 -4.58
CA LEU A 194 -9.54 -11.76 -3.15
C LEU A 194 -9.01 -13.12 -2.73
N ALA A 195 -8.02 -13.13 -1.83
CA ALA A 195 -7.50 -14.39 -1.31
C ALA A 195 -7.44 -14.35 0.21
N GLU A 196 -6.48 -15.08 0.80
CA GLU A 196 -6.43 -15.23 2.25
C GLU A 196 -6.39 -13.88 2.96
N GLN A 197 -5.63 -12.92 2.43
CA GLN A 197 -5.52 -11.62 3.11
C GLN A 197 -6.85 -10.90 3.10
N SER A 198 -7.48 -10.78 1.93
CA SER A 198 -8.73 -10.03 1.82
C SER A 198 -9.89 -10.78 2.46
N VAL A 199 -9.93 -12.11 2.31
CA VAL A 199 -11.01 -12.88 2.91
C VAL A 199 -10.95 -12.77 4.42
N LEU A 200 -9.74 -12.75 4.99
CA LEU A 200 -9.59 -12.59 6.42
C LEU A 200 -10.01 -11.19 6.87
N ALA A 201 -9.66 -10.18 6.08
CA ALA A 201 -10.08 -8.82 6.41
C ALA A 201 -11.60 -8.69 6.36
N ALA A 202 -12.24 -9.32 5.38
CA ALA A 202 -13.70 -9.31 5.32
C ALA A 202 -14.29 -10.01 6.54
N LEU A 203 -13.70 -11.14 6.95
CA LEU A 203 -14.22 -11.86 8.10
C LEU A 203 -14.16 -11.02 9.37
N SER A 204 -13.01 -10.38 9.63
CA SER A 204 -12.89 -9.57 10.83
C SER A 204 -13.83 -8.37 10.77
N GLN A 205 -13.99 -7.76 9.59
CA GLN A 205 -14.94 -6.67 9.44
C GLN A 205 -16.37 -7.14 9.75
N ALA A 206 -16.75 -8.33 9.27
CA ALA A 206 -18.10 -8.82 9.46
C ALA A 206 -18.43 -9.03 10.93
N VAL A 207 -17.61 -9.80 11.64
CA VAL A 207 -17.88 -10.07 13.05
C VAL A 207 -17.70 -8.82 13.91
N SER A 208 -17.04 -7.79 13.40
CA SER A 208 -16.94 -6.53 14.15
C SER A 208 -18.21 -5.70 14.01
N LEU A 209 -18.74 -5.59 12.79
CA LEU A 209 -19.96 -4.82 12.56
C LEU A 209 -21.19 -5.56 13.06
N THR A 210 -21.22 -6.89 12.91
CA THR A 210 -22.35 -7.73 13.32
C THR A 210 -21.81 -8.85 14.20
N PRO A 211 -21.77 -8.66 15.52
CA PRO A 211 -21.14 -9.66 16.39
C PRO A 211 -21.87 -10.99 16.33
N PRO A 212 -21.16 -12.10 16.45
CA PRO A 212 -21.82 -13.41 16.48
C PRO A 212 -22.29 -13.76 17.88
N GLY A 213 -23.17 -14.76 17.94
CA GLY A 213 -23.73 -15.24 19.18
C GLY A 213 -24.91 -14.47 19.73
N GLN A 214 -25.55 -13.62 18.94
CA GLN A 214 -26.71 -12.87 19.40
C GLN A 214 -27.99 -13.67 19.20
N GLU A 215 -29.02 -13.30 19.96
CA GLU A 215 -30.34 -13.91 19.80
C GLU A 215 -31.08 -13.20 18.67
N PHE A 216 -31.71 -13.98 17.80
CA PHE A 216 -32.38 -13.38 16.65
C PHE A 216 -33.65 -12.66 17.10
N PRO A 217 -33.95 -11.49 16.55
CA PRO A 217 -33.12 -10.71 15.59
C PRO A 217 -31.96 -10.03 16.31
N PRO A 218 -30.81 -9.94 15.67
CA PRO A 218 -29.62 -9.37 16.34
C PRO A 218 -29.83 -7.90 16.68
N ALA A 219 -29.70 -7.56 17.96
CA ALA A 219 -29.86 -6.17 18.38
C ALA A 219 -28.74 -5.29 17.83
N MET A 220 -27.57 -5.85 17.59
CA MET A 220 -26.43 -5.09 17.08
C MET A 220 -26.12 -5.56 15.67
N VAL A 221 -26.48 -4.76 14.67
CA VAL A 221 -26.21 -5.08 13.28
C VAL A 221 -25.07 -4.26 12.70
N ASP A 222 -24.79 -3.07 13.26
CA ASP A 222 -23.75 -2.19 12.75
C ASP A 222 -23.10 -1.46 13.93
N ALA A 223 -22.09 -2.11 14.51
CA ALA A 223 -21.41 -1.56 15.68
C ALA A 223 -20.58 -0.31 15.37
N GLY A 224 -20.38 0.04 14.10
CA GLY A 224 -19.65 1.25 13.76
C GLY A 224 -20.55 2.39 13.34
N LYS A 225 -21.81 2.35 13.79
CA LYS A 225 -22.81 3.29 13.33
C LYS A 225 -22.43 4.74 13.65
N GLY A 226 -22.10 5.02 14.91
CA GLY A 226 -21.82 6.40 15.27
C GLY A 226 -20.41 6.90 15.02
N LYS A 227 -19.48 6.03 14.61
CA LYS A 227 -18.08 6.43 14.49
C LYS A 227 -17.87 7.35 13.31
N THR A 228 -16.90 8.26 13.45
CA THR A 228 -16.44 9.02 12.30
C THR A 228 -15.74 8.09 11.30
N ALA A 229 -15.47 8.63 10.10
CA ALA A 229 -14.83 7.83 9.07
C ALA A 229 -13.46 7.36 9.52
N GLU A 230 -12.66 8.25 10.13
CA GLU A 230 -11.32 7.87 10.55
C GLU A 230 -11.35 6.88 11.71
N ALA A 231 -12.22 7.11 12.68
CA ALA A 231 -12.32 6.20 13.83
C ALA A 231 -12.80 4.82 13.38
N ARG A 232 -13.73 4.78 12.43
CA ARG A 232 -14.22 3.50 11.91
C ARG A 232 -13.11 2.73 11.21
N LYS A 233 -12.34 3.41 10.36
CA LYS A 233 -11.25 2.75 9.65
C LYS A 233 -10.17 2.26 10.61
N THR A 234 -9.87 3.07 11.64
CA THR A 234 -8.86 2.69 12.62
C THR A 234 -9.30 1.48 13.43
N TRP A 235 -10.58 1.47 13.82
CA TRP A 235 -11.09 0.38 14.64
C TRP A 235 -11.16 -0.92 13.84
N LEU A 236 -11.58 -0.85 12.58
CA LEU A 236 -11.61 -2.05 11.75
C LEU A 236 -10.19 -2.56 11.49
N GLU A 237 -9.25 -1.65 11.25
CA GLU A 237 -7.86 -2.04 11.04
C GLU A 237 -7.30 -2.75 12.26
N GLU A 238 -7.55 -2.21 13.44
CA GLU A 238 -7.04 -2.84 14.66
C GLU A 238 -7.68 -4.21 14.88
N GLN A 239 -8.99 -4.33 14.59
CA GLN A 239 -9.65 -5.63 14.73
C GLN A 239 -9.12 -6.62 13.71
N GLY A 240 -8.85 -6.17 12.49
CA GLY A 240 -8.28 -7.06 11.49
C GLY A 240 -6.95 -7.62 11.92
N MET A 241 -6.14 -6.81 12.61
CA MET A 241 -4.83 -7.27 13.05
C MET A 241 -4.95 -8.37 14.11
N ILE A 242 -6.00 -8.32 14.92
CA ILE A 242 -6.20 -9.35 15.93
C ILE A 242 -6.46 -10.70 15.27
N LEU A 243 -7.31 -10.72 14.25
CA LEU A 243 -7.63 -11.99 13.58
C LEU A 243 -6.46 -12.47 12.74
N LYS A 244 -5.75 -11.55 12.08
CA LYS A 244 -4.65 -11.97 11.23
C LYS A 244 -3.43 -12.41 12.03
N GLN A 245 -3.24 -11.87 13.24
CA GLN A 245 -2.14 -12.33 14.09
C GLN A 245 -2.42 -13.71 14.65
N THR A 246 -3.67 -13.96 15.07
CA THR A 246 -4.03 -15.28 15.58
C THR A 246 -4.02 -16.32 14.48
N PHE A 247 -4.49 -15.95 13.28
CA PHE A 247 -4.50 -16.91 12.17
C PHE A 247 -3.10 -17.24 11.71
N CYS A 248 -2.18 -16.28 11.72
CA CYS A 248 -0.79 -16.54 11.37
CA CYS A 248 -0.80 -16.57 11.33
C CYS A 248 -0.19 -17.65 12.23
N GLU A 249 -0.60 -17.69 13.50
CA GLU A 249 -0.07 -18.67 14.45
C GLU A 249 -0.88 -19.96 14.49
N VAL A 250 -2.16 -19.90 14.18
CA VAL A 250 -2.99 -21.10 14.05
C VAL A 250 -3.77 -20.99 12.74
N PRO A 251 -3.14 -21.24 11.58
CA PRO A 251 -3.82 -21.10 10.28
C PRO A 251 -4.71 -22.30 9.94
N ASP A 252 -5.73 -22.52 10.77
CA ASP A 252 -6.65 -23.63 10.58
C ASP A 252 -8.06 -23.08 10.81
N LEU A 253 -8.77 -22.81 9.71
CA LEU A 253 -10.12 -22.26 9.82
C LEU A 253 -11.07 -23.22 10.56
N ASP A 254 -10.81 -24.52 10.49
CA ASP A 254 -11.63 -25.47 11.23
C ASP A 254 -11.48 -25.28 12.74
N ARG A 255 -10.31 -24.83 13.20
CA ARG A 255 -10.12 -24.51 14.60
C ARG A 255 -10.50 -23.08 14.96
N ILE A 256 -10.28 -22.14 14.05
CA ILE A 256 -10.48 -20.72 14.38
C ILE A 256 -11.96 -20.38 14.42
N ILE A 257 -12.72 -20.82 13.43
CA ILE A 257 -14.09 -20.35 13.22
C ILE A 257 -15.02 -20.78 14.35
N PRO A 258 -15.00 -22.04 14.81
CA PRO A 258 -15.87 -22.37 15.96
C PRO A 258 -15.55 -21.55 17.19
N VAL A 259 -14.26 -21.34 17.48
CA VAL A 259 -13.89 -20.56 18.65
C VAL A 259 -14.20 -19.08 18.44
N LEU A 260 -14.06 -18.59 17.20
CA LEU A 260 -14.44 -17.21 16.92
C LEU A 260 -15.93 -16.98 17.12
N LEU A 261 -16.76 -17.95 16.74
CA LEU A 261 -18.20 -17.78 16.85
C LEU A 261 -18.67 -17.90 18.29
N GLU A 262 -17.99 -18.72 19.11
CA GLU A 262 -18.42 -18.96 20.48
C GLU A 262 -17.88 -17.95 21.48
N HIS A 263 -16.81 -17.22 21.15
CA HIS A 263 -16.20 -16.31 22.13
C HIS A 263 -15.83 -14.95 21.56
N GLY A 264 -16.13 -14.66 20.30
CA GLY A 264 -15.84 -13.36 19.74
C GLY A 264 -14.37 -13.19 19.38
N LEU A 265 -14.10 -12.10 18.66
CA LEU A 265 -12.78 -11.88 18.07
C LEU A 265 -11.75 -11.47 19.11
N GLU A 266 -12.10 -10.60 20.05
CA GLU A 266 -11.11 -10.10 20.99
C GLU A 266 -10.71 -11.13 22.03
N ARG A 267 -11.57 -12.12 22.30
CA ARG A 267 -11.21 -13.22 23.18
C ARG A 267 -10.62 -14.41 22.42
N LEU A 268 -10.57 -14.33 21.09
CA LEU A 268 -10.03 -15.42 20.30
C LEU A 268 -8.55 -15.73 20.57
N PRO A 269 -7.67 -14.74 20.77
CA PRO A 269 -6.26 -15.10 21.08
C PRO A 269 -6.10 -15.98 22.31
N GLU A 270 -6.98 -15.85 23.31
CA GLU A 270 -6.82 -16.63 24.53
C GLU A 270 -7.18 -18.10 24.37
N HIS A 271 -7.68 -18.51 23.21
CA HIS A 271 -8.04 -19.90 22.96
C HIS A 271 -7.17 -20.59 21.92
N CYS A 272 -6.49 -19.83 21.06
CA CYS A 272 -5.70 -20.37 19.96
C CYS A 272 -4.24 -19.96 20.16
N LYS A 273 -3.38 -20.96 20.34
CA LYS A 273 -1.96 -20.71 20.60
C LYS A 273 -1.11 -21.55 19.68
N LEU A 274 0.03 -20.99 19.26
CA LEU A 274 0.99 -21.70 18.42
C LEU A 274 1.49 -22.95 19.12
N SER A 275 1.49 -24.08 18.39
CA SER A 275 1.94 -25.33 18.96
C SER A 275 2.39 -26.25 17.83
N PRO A 276 3.30 -27.19 18.10
CA PRO A 276 3.76 -28.09 17.04
C PRO A 276 2.63 -28.98 16.55
N GLY A 277 2.64 -29.26 15.25
CA GLY A 277 1.63 -30.07 14.61
C GLY A 277 0.77 -29.34 13.60
N ILE A 278 0.64 -28.01 13.72
CA ILE A 278 -0.11 -27.19 12.79
C ILE A 278 0.89 -26.39 11.96
N PRO A 279 0.98 -26.63 10.65
CA PRO A 279 2.02 -25.94 9.86
C PRO A 279 1.80 -24.43 9.84
N LEU A 280 2.90 -23.71 9.68
CA LEU A 280 2.90 -22.25 9.62
C LEU A 280 3.55 -21.80 8.31
N LYS A 281 3.06 -20.70 7.77
CA LYS A 281 3.67 -20.16 6.56
C LYS A 281 5.01 -19.53 6.91
N PRO A 282 6.09 -19.92 6.25
CA PRO A 282 7.42 -19.48 6.67
C PRO A 282 7.64 -18.00 6.42
N MET A 283 8.58 -17.45 7.19
CA MET A 283 9.04 -16.10 6.95
C MET A 283 9.84 -16.06 5.65
N LEU A 284 9.61 -15.01 4.85
CA LEU A 284 10.24 -14.87 3.54
C LEU A 284 11.03 -13.57 3.47
N ALA A 285 11.83 -13.46 2.42
CA ALA A 285 12.77 -12.36 2.26
C ALA A 285 12.46 -11.57 1.00
N HIS A 286 12.85 -10.29 1.02
CA HIS A 286 12.76 -9.37 -0.11
C HIS A 286 14.06 -9.34 -0.88
N PRO A 287 14.01 -9.33 -2.21
CA PRO A 287 15.24 -9.23 -3.00
C PRO A 287 15.85 -7.85 -2.88
N THR A 288 17.17 -7.79 -3.03
CA THR A 288 17.93 -6.55 -2.99
C THR A 288 18.75 -6.43 -4.27
N ARG A 289 19.10 -5.19 -4.62
CA ARG A 289 19.86 -4.93 -5.84
C ARG A 289 21.37 -4.94 -5.62
N GLY A 290 21.83 -5.03 -4.38
CA GLY A 290 23.26 -5.07 -4.12
C GLY A 290 23.51 -4.87 -2.64
N ILE A 291 24.80 -4.99 -2.28
CA ILE A 291 25.18 -4.90 -0.88
C ILE A 291 24.92 -3.51 -0.33
N SER A 292 25.14 -2.47 -1.15
CA SER A 292 24.92 -1.11 -0.68
C SER A 292 23.45 -0.86 -0.36
N GLU A 293 22.53 -1.52 -1.07
CA GLU A 293 21.12 -1.40 -0.73
C GLU A 293 20.82 -2.11 0.60
N VAL A 294 21.57 -3.15 0.92
CA VAL A 294 21.35 -3.88 2.17
C VAL A 294 21.72 -2.99 3.36
N LEU A 295 22.90 -2.38 3.31
CA LEU A 295 23.35 -1.55 4.43
C LEU A 295 22.53 -0.27 4.56
N LYS A 296 21.98 0.24 3.45
CA LYS A 296 21.13 1.42 3.53
C LYS A 296 19.82 1.11 4.24
N ARG A 297 19.25 -0.06 3.99
CA ARG A 297 17.98 -0.42 4.63
C ARG A 297 18.17 -0.81 6.09
N PHE A 298 19.24 -1.55 6.39
CA PHE A 298 19.52 -1.96 7.75
C PHE A 298 20.20 -0.86 8.57
N GLU A 299 20.68 0.19 7.91
CA GLU A 299 21.41 1.29 8.54
C GLU A 299 22.52 0.76 9.43
N GLU A 300 22.33 0.78 10.75
CA GLU A 300 23.37 0.35 11.67
C GLU A 300 23.02 -0.94 12.40
N ALA A 301 21.88 -1.56 12.11
CA ALA A 301 21.51 -2.81 12.79
C ALA A 301 22.46 -3.93 12.38
N ALA A 302 23.01 -4.63 13.37
CA ALA A 302 23.92 -5.73 13.08
C ALA A 302 23.15 -6.89 12.45
N PHE A 303 23.72 -7.48 11.41
CA PHE A 303 23.07 -8.54 10.65
C PHE A 303 24.02 -9.73 10.50
N THR A 304 23.48 -10.83 9.98
CA THR A 304 24.25 -12.02 9.65
C THR A 304 24.04 -12.38 8.18
N CYS A 305 25.04 -13.04 7.61
CA CYS A 305 25.00 -13.46 6.21
C CYS A 305 25.00 -14.99 6.18
N GLU A 306 23.99 -15.58 5.56
CA GLU A 306 23.90 -17.02 5.42
C GLU A 306 23.85 -17.41 3.94
N TYR A 307 24.28 -18.64 3.67
CA TYR A 307 24.17 -19.17 2.32
C TYR A 307 22.71 -19.26 1.89
N LYS A 308 22.45 -18.85 0.65
CA LYS A 308 21.11 -18.94 0.05
C LYS A 308 21.01 -20.32 -0.62
N TYR A 309 20.46 -21.29 0.10
CA TYR A 309 20.43 -22.66 -0.38
C TYR A 309 19.32 -22.87 -1.40
N ASP A 310 19.56 -23.79 -2.32
CA ASP A 310 18.63 -24.12 -3.41
C ASP A 310 18.02 -25.49 -3.12
N GLY A 311 16.97 -25.49 -2.30
CA GLY A 311 16.31 -26.72 -1.89
C GLY A 311 14.84 -26.49 -1.64
N GLN A 312 14.27 -27.30 -0.75
CA GLN A 312 12.88 -27.15 -0.35
C GLN A 312 12.83 -26.61 1.09
N ARG A 313 12.06 -25.55 1.29
CA ARG A 313 11.81 -25.04 2.64
C ARG A 313 11.01 -26.08 3.41
N ALA A 314 11.62 -26.62 4.47
CA ALA A 314 11.04 -27.72 5.23
C ALA A 314 10.91 -27.32 6.68
N GLN A 315 9.67 -27.29 7.18
CA GLN A 315 9.38 -26.97 8.57
C GLN A 315 9.17 -28.27 9.34
N ILE A 316 10.07 -28.57 10.28
CA ILE A 316 10.09 -29.86 10.97
C ILE A 316 9.49 -29.68 12.36
N HIS A 317 8.36 -30.34 12.60
CA HIS A 317 7.63 -30.26 13.86
C HIS A 317 7.85 -31.54 14.67
N ALA A 318 8.28 -31.38 15.92
CA ALA A 318 8.40 -32.49 16.85
C ALA A 318 7.41 -32.25 17.99
N LEU A 319 6.38 -33.09 18.06
CA LEU A 319 5.35 -32.95 19.08
C LEU A 319 5.79 -33.60 20.37
N GLU A 320 5.37 -33.02 21.49
CA GLU A 320 5.59 -33.63 22.80
C GLU A 320 5.00 -35.03 22.82
N GLY A 321 5.86 -36.04 22.77
CA GLY A 321 5.36 -37.41 22.68
C GLY A 321 5.94 -38.18 21.52
N GLY A 322 6.91 -37.60 20.81
CA GLY A 322 7.70 -38.30 19.83
C GLY A 322 7.28 -38.09 18.38
N GLU A 323 6.03 -37.74 18.13
CA GLU A 323 5.55 -37.59 16.76
C GLU A 323 6.27 -36.46 16.04
N VAL A 324 6.73 -36.74 14.81
CA VAL A 324 7.43 -35.77 13.98
C VAL A 324 6.65 -35.58 12.68
N LYS A 325 6.52 -34.33 12.25
CA LYS A 325 5.86 -34.03 10.99
C LYS A 325 6.70 -33.00 10.22
N ILE A 326 6.65 -33.10 8.90
CA ILE A 326 7.41 -32.23 8.00
C ILE A 326 6.42 -31.54 7.07
N PHE A 327 6.52 -30.22 7.00
CA PHE A 327 5.57 -29.40 6.25
C PHE A 327 6.30 -28.57 5.19
N SER A 328 5.57 -28.26 4.12
CA SER A 328 6.07 -27.41 3.07
C SER A 328 5.70 -25.95 3.33
N ARG A 329 6.26 -25.06 2.51
CA ARG A 329 5.98 -23.64 2.68
C ARG A 329 4.51 -23.33 2.47
N ASN A 330 3.81 -24.15 1.70
CA ASN A 330 2.37 -24.06 1.52
C ASN A 330 1.60 -24.93 2.51
N GLN A 331 2.24 -25.34 3.60
CA GLN A 331 1.61 -26.02 4.73
C GLN A 331 1.07 -27.39 4.38
N ALA A 332 1.53 -27.99 3.28
CA ALA A 332 1.20 -29.38 2.99
C ALA A 332 2.09 -30.31 3.80
N ASP A 333 1.53 -31.46 4.20
CA ASP A 333 2.28 -32.44 4.98
C ASP A 333 3.15 -33.28 4.04
N ASN A 334 4.46 -33.24 4.25
CA ASN A 334 5.42 -34.00 3.46
C ASN A 334 6.14 -35.06 4.29
N THR A 335 5.57 -35.46 5.42
CA THR A 335 6.24 -36.44 6.28
C THR A 335 6.54 -37.73 5.53
N GLY A 336 5.60 -38.19 4.69
CA GLY A 336 5.80 -39.41 3.94
C GLY A 336 6.82 -39.30 2.83
N LYS A 337 7.14 -38.08 2.42
CA LYS A 337 8.16 -37.89 1.40
C LYS A 337 9.57 -38.09 1.93
N TYR A 338 9.77 -37.95 3.24
CA TYR A 338 11.10 -37.90 3.85
C TYR A 338 11.24 -38.91 4.98
N PRO A 339 11.17 -40.22 4.69
CA PRO A 339 11.46 -41.21 5.75
C PRO A 339 12.87 -41.09 6.27
N ASP A 340 13.82 -40.66 5.43
CA ASP A 340 15.19 -40.47 5.87
C ASP A 340 15.30 -39.38 6.92
N ILE A 341 14.51 -38.31 6.79
CA ILE A 341 14.56 -37.22 7.76
C ILE A 341 14.00 -37.68 9.11
N ILE A 342 12.92 -38.47 9.08
CA ILE A 342 12.33 -38.96 10.33
C ILE A 342 13.35 -39.79 11.11
N SER A 343 14.02 -40.72 10.41
CA SER A 343 14.99 -41.59 11.07
C SER A 343 16.20 -40.82 11.59
N ARG A 344 16.44 -39.62 11.07
CA ARG A 344 17.56 -38.79 11.48
C ARG A 344 17.29 -38.00 12.75
N ILE A 345 16.02 -37.93 13.19
CA ILE A 345 15.65 -36.98 14.24
C ILE A 345 16.43 -37.17 15.53
N PRO A 346 16.51 -38.38 16.11
CA PRO A 346 17.25 -38.51 17.39
C PRO A 346 18.71 -38.10 17.31
N LYS A 347 19.31 -38.08 16.11
CA LYS A 347 20.70 -37.72 15.95
C LYS A 347 20.93 -36.21 15.86
N ILE A 348 19.89 -35.39 15.91
CA ILE A 348 20.05 -33.96 15.68
C ILE A 348 19.70 -33.11 16.89
N LYS A 349 19.37 -33.72 18.03
CA LYS A 349 18.98 -32.97 19.20
C LYS A 349 19.56 -33.61 20.46
N LEU A 350 19.80 -32.78 21.46
CA LEU A 350 20.19 -33.28 22.77
C LEU A 350 19.02 -34.03 23.40
N PRO A 351 19.29 -34.94 24.32
CA PRO A 351 18.19 -35.65 25.00
C PRO A 351 17.24 -34.73 25.74
N SER A 352 17.68 -33.51 26.08
CA SER A 352 16.81 -32.58 26.78
C SER A 352 15.72 -31.99 25.89
N VAL A 353 15.90 -32.07 24.57
CA VAL A 353 14.92 -31.54 23.63
C VAL A 353 13.75 -32.53 23.52
N THR A 354 12.54 -32.05 23.78
CA THR A 354 11.34 -32.88 23.72
C THR A 354 10.28 -32.37 22.75
N SER A 355 10.39 -31.13 22.27
CA SER A 355 9.46 -30.58 21.30
C SER A 355 10.09 -29.36 20.65
N PHE A 356 9.83 -29.17 19.35
CA PHE A 356 10.39 -28.02 18.65
C PHE A 356 9.65 -27.78 17.34
N ILE A 357 10.02 -26.68 16.69
CA ILE A 357 9.65 -26.38 15.31
C ILE A 357 10.89 -25.81 14.65
N LEU A 358 11.47 -26.55 13.71
CA LEU A 358 12.70 -26.15 13.03
C LEU A 358 12.38 -25.53 11.67
N ASP A 359 13.18 -24.54 11.29
CA ASP A 359 13.10 -23.91 9.99
C ASP A 359 14.37 -24.26 9.22
N THR A 360 14.24 -25.14 8.23
CA THR A 360 15.40 -25.71 7.55
C THR A 360 15.23 -25.60 6.04
N GLU A 361 16.27 -25.99 5.32
CA GLU A 361 16.23 -26.16 3.87
C GLU A 361 16.73 -27.55 3.54
N ALA A 362 15.91 -28.35 2.87
CA ALA A 362 16.27 -29.70 2.48
C ALA A 362 16.94 -29.64 1.11
N VAL A 363 18.24 -29.92 1.06
CA VAL A 363 19.03 -29.76 -0.15
C VAL A 363 19.55 -31.13 -0.57
N ALA A 364 19.44 -31.43 -1.86
CA ALA A 364 19.96 -32.69 -2.38
C ALA A 364 21.46 -32.79 -2.13
N TRP A 365 21.90 -33.94 -1.62
CA TRP A 365 23.27 -34.11 -1.17
C TRP A 365 23.87 -35.35 -1.83
N ASP A 366 24.92 -35.16 -2.62
CA ASP A 366 25.70 -36.26 -3.17
C ASP A 366 26.57 -36.82 -2.06
N ARG A 367 26.18 -37.99 -1.52
CA ARG A 367 26.90 -38.54 -0.39
C ARG A 367 28.26 -39.08 -0.79
N GLU A 368 28.41 -39.53 -2.04
CA GLU A 368 29.69 -40.07 -2.47
C GLU A 368 30.71 -38.97 -2.71
N LYS A 369 30.26 -37.85 -3.27
CA LYS A 369 31.15 -36.74 -3.60
C LYS A 369 31.18 -35.67 -2.52
N LYS A 370 30.33 -35.78 -1.49
CA LYS A 370 30.26 -34.80 -0.41
C LYS A 370 29.97 -33.40 -0.94
N GLN A 371 28.97 -33.30 -1.80
CA GLN A 371 28.69 -32.05 -2.50
C GLN A 371 27.18 -31.81 -2.55
N ILE A 372 26.83 -30.53 -2.68
CA ILE A 372 25.44 -30.12 -2.86
C ILE A 372 25.04 -30.32 -4.32
N GLN A 373 23.80 -30.78 -4.54
CA GLN A 373 23.27 -30.97 -5.89
C GLN A 373 22.15 -29.97 -6.17
N PRO A 374 21.97 -29.58 -7.44
CA PRO A 374 20.98 -28.55 -7.76
C PRO A 374 19.55 -29.01 -7.47
N PHE A 375 18.64 -28.03 -7.45
CA PHE A 375 17.26 -28.31 -7.07
C PHE A 375 16.60 -29.31 -8.01
N GLN A 376 17.01 -29.34 -9.28
CA GLN A 376 16.39 -30.24 -10.24
C GLN A 376 16.53 -31.69 -9.81
N VAL A 377 17.69 -32.05 -9.27
CA VAL A 377 17.88 -33.41 -8.77
C VAL A 377 16.93 -33.71 -7.62
N LEU A 378 16.63 -32.70 -6.81
CA LEU A 378 15.73 -32.90 -5.68
C LEU A 378 14.30 -33.22 -6.13
N THR A 379 13.87 -32.63 -7.25
CA THR A 379 12.52 -32.87 -7.76
C THR A 379 12.33 -34.30 -8.26
N THR A 380 13.42 -35.02 -8.55
CA THR A 380 13.30 -36.41 -9.00
C THR A 380 13.07 -37.39 -7.86
N ARG A 381 13.03 -36.91 -6.62
CA ARG A 381 12.67 -37.77 -5.49
C ARG A 381 11.21 -38.20 -5.62
N LYS A 382 10.94 -39.44 -5.22
CA LYS A 382 9.57 -39.92 -5.20
C LYS A 382 8.76 -39.16 -4.16
N ARG A 383 7.44 -39.09 -4.39
CA ARG A 383 6.56 -38.42 -3.46
C ARG A 383 5.59 -39.36 -2.77
N LYS A 384 5.20 -40.46 -3.43
CA LYS A 384 4.10 -41.31 -2.99
C LYS A 384 4.65 -42.50 -2.22
N GLU A 385 4.45 -42.51 -0.90
CA GLU A 385 4.76 -43.65 -0.03
C GLU A 385 6.21 -44.11 -0.24
N VAL A 386 7.12 -43.29 0.27
CA VAL A 386 8.55 -43.50 0.05
C VAL A 386 9.10 -44.46 1.08
N ASP A 387 9.94 -45.39 0.62
CA ASP A 387 10.70 -46.29 1.48
C ASP A 387 12.14 -45.80 1.55
N ALA A 388 12.70 -45.79 2.77
CA ALA A 388 14.02 -45.18 2.97
C ALA A 388 15.09 -45.93 2.19
N SER A 389 14.96 -47.24 2.06
CA SER A 389 15.97 -48.02 1.35
C SER A 389 15.97 -47.77 -0.14
N GLU A 390 14.89 -47.22 -0.69
CA GLU A 390 14.80 -46.96 -2.12
C GLU A 390 15.13 -45.54 -2.48
N ILE A 391 15.50 -44.71 -1.50
CA ILE A 391 15.81 -43.31 -1.77
C ILE A 391 17.10 -43.23 -2.59
N GLN A 392 17.02 -42.60 -3.75
CA GLN A 392 18.18 -42.41 -4.60
C GLN A 392 18.88 -41.07 -4.32
N VAL A 393 18.10 -40.03 -4.06
CA VAL A 393 18.62 -38.68 -3.87
C VAL A 393 18.55 -38.37 -2.37
N GLN A 394 19.69 -38.49 -1.69
CA GLN A 394 19.77 -38.12 -0.29
C GLN A 394 19.62 -36.61 -0.12
N VAL A 395 19.30 -36.20 1.11
CA VAL A 395 19.14 -34.80 1.45
C VAL A 395 19.97 -34.48 2.68
N CYS A 396 20.48 -33.26 2.70
CA CYS A 396 21.13 -32.70 3.86
C CYS A 396 20.31 -31.50 4.33
N LEU A 397 19.95 -31.49 5.61
CA LEU A 397 19.17 -30.39 6.16
C LEU A 397 20.10 -29.26 6.56
N TYR A 398 19.76 -28.04 6.15
CA TYR A 398 20.48 -26.83 6.52
C TYR A 398 19.56 -26.02 7.42
N ALA A 399 19.77 -26.12 8.73
CA ALA A 399 18.92 -25.47 9.71
C ALA A 399 19.39 -24.04 9.95
N PHE A 400 18.44 -23.12 10.03
CA PHE A 400 18.78 -21.72 10.27
C PHE A 400 17.84 -20.97 11.20
N ASP A 401 16.78 -21.59 11.71
CA ASP A 401 15.92 -20.89 12.65
C ASP A 401 15.18 -21.90 13.51
N LEU A 402 14.56 -21.39 14.58
CA LEU A 402 13.91 -22.22 15.58
C LEU A 402 12.71 -21.45 16.11
N ILE A 403 11.51 -21.91 15.75
CA ILE A 403 10.28 -21.21 16.09
C ILE A 403 9.74 -21.58 17.47
N TYR A 404 10.09 -22.75 17.98
CA TYR A 404 9.46 -23.32 19.16
C TYR A 404 10.43 -24.31 19.76
N LEU A 405 10.51 -24.36 21.09
CA LEU A 405 11.44 -25.27 21.76
C LEU A 405 10.95 -25.57 23.16
N ASN A 406 10.65 -26.84 23.43
CA ASN A 406 10.33 -27.32 24.77
C ASN A 406 9.16 -26.55 25.38
N GLY A 407 8.06 -26.47 24.63
CA GLY A 407 6.85 -25.86 25.12
C GLY A 407 6.78 -24.35 25.01
N GLU A 408 7.83 -23.69 24.53
CA GLU A 408 7.89 -22.24 24.47
C GLU A 408 8.07 -21.76 23.05
N SER A 409 7.25 -20.80 22.63
CA SER A 409 7.40 -20.15 21.33
C SER A 409 8.49 -19.09 21.38
N LEU A 410 9.31 -19.05 20.33
CA LEU A 410 10.43 -18.11 20.27
C LEU A 410 10.23 -17.00 19.25
N VAL A 411 9.04 -16.89 18.66
CA VAL A 411 8.86 -15.99 17.52
C VAL A 411 9.09 -14.53 17.90
N ARG A 412 8.91 -14.19 19.19
CA ARG A 412 9.09 -12.82 19.61
C ARG A 412 10.52 -12.52 20.05
N GLU A 413 11.31 -13.54 20.35
CA GLU A 413 12.72 -13.32 20.65
C GLU A 413 13.47 -12.87 19.41
N PRO A 414 14.56 -12.12 19.57
CA PRO A 414 15.38 -11.77 18.41
C PRO A 414 16.09 -12.98 17.83
N LEU A 415 16.48 -12.85 16.56
CA LEU A 415 17.13 -13.96 15.87
C LEU A 415 18.38 -14.42 16.61
N SER A 416 19.14 -13.49 17.18
CA SER A 416 20.34 -13.87 17.92
C SER A 416 20.03 -14.83 19.05
N ARG A 417 18.87 -14.67 19.69
CA ARG A 417 18.45 -15.61 20.73
C ARG A 417 18.01 -16.94 20.12
N ARG A 418 17.19 -16.88 19.05
CA ARG A 418 16.73 -18.10 18.40
C ARG A 418 17.90 -18.88 17.80
N ARG A 419 18.83 -18.17 17.17
CA ARG A 419 20.01 -18.84 16.61
C ARG A 419 20.82 -19.50 17.71
N GLN A 420 20.97 -18.82 18.84
CA GLN A 420 21.75 -19.37 19.95
C GLN A 420 21.09 -20.63 20.50
N LEU A 421 19.78 -20.58 20.71
CA LEU A 421 19.08 -21.75 21.22
C LEU A 421 19.15 -22.91 20.23
N LEU A 422 19.14 -22.63 18.93
CA LEU A 422 19.30 -23.68 17.94
C LEU A 422 20.68 -24.32 18.02
N ARG A 423 21.72 -23.51 18.14
CA ARG A 423 23.08 -24.06 18.21
C ARG A 423 23.33 -24.78 19.53
N GLU A 424 22.66 -24.36 20.61
CA GLU A 424 22.91 -24.94 21.92
C GLU A 424 22.19 -26.26 22.15
N ASN A 425 21.15 -26.57 21.37
CA ASN A 425 20.34 -27.74 21.60
C ASN A 425 20.35 -28.76 20.49
N PHE A 426 20.81 -28.40 19.29
CA PHE A 426 20.87 -29.31 18.16
C PHE A 426 22.31 -29.56 17.76
N VAL A 427 22.58 -30.77 17.30
CA VAL A 427 23.94 -31.21 17.02
C VAL A 427 24.08 -31.49 15.53
N GLU A 428 25.28 -31.24 15.01
CA GLU A 428 25.55 -31.28 13.58
C GLU A 428 26.11 -32.63 13.18
N THR A 429 25.71 -33.10 12.00
CA THR A 429 26.30 -34.27 11.36
C THR A 429 26.53 -33.95 9.89
N GLU A 430 27.76 -34.18 9.43
CA GLU A 430 28.12 -33.83 8.07
C GLU A 430 27.24 -34.56 7.06
N GLY A 431 26.84 -33.83 6.00
CA GLY A 431 26.03 -34.43 4.96
C GLY A 431 24.67 -34.89 5.41
N GLU A 432 24.19 -34.44 6.57
CA GLU A 432 22.90 -34.88 7.09
C GLU A 432 22.14 -33.72 7.73
N PHE A 433 22.75 -33.07 8.72
CA PHE A 433 22.10 -31.98 9.43
C PHE A 433 23.19 -31.04 9.91
N VAL A 434 23.20 -29.82 9.37
CA VAL A 434 24.20 -28.81 9.74
C VAL A 434 23.51 -27.45 9.76
N PHE A 435 24.14 -26.50 10.45
CA PHE A 435 23.63 -25.14 10.46
C PHE A 435 24.08 -24.40 9.20
N ALA A 436 23.24 -23.49 8.73
CA ALA A 436 23.55 -22.74 7.52
C ALA A 436 24.87 -22.00 7.66
N THR A 437 25.76 -22.17 6.67
CA THR A 437 27.03 -21.45 6.63
C THR A 437 26.79 -19.96 6.77
N SER A 438 27.34 -19.37 7.83
CA SER A 438 27.00 -18.02 8.21
C SER A 438 28.25 -17.19 8.45
N LEU A 439 28.07 -15.88 8.34
CA LEU A 439 29.14 -14.92 8.60
C LEU A 439 28.52 -13.68 9.23
N ASP A 440 29.05 -13.27 10.38
CA ASP A 440 28.62 -12.07 11.08
C ASP A 440 29.68 -11.00 10.85
N THR A 441 29.34 -9.97 10.07
CA THR A 441 30.32 -8.95 9.73
C THR A 441 29.62 -7.71 9.21
N LYS A 442 30.38 -6.62 9.16
CA LYS A 442 29.95 -5.36 8.59
C LYS A 442 30.83 -4.90 7.44
N ASP A 443 31.96 -5.56 7.20
CA ASP A 443 32.88 -5.16 6.14
C ASP A 443 32.29 -5.47 4.78
N ILE A 444 32.12 -4.44 3.96
CA ILE A 444 31.57 -4.63 2.61
C ILE A 444 32.45 -5.57 1.80
N GLU A 445 33.77 -5.42 1.92
CA GLU A 445 34.67 -6.31 1.19
C GLU A 445 34.49 -7.75 1.65
N GLN A 446 34.41 -7.98 2.96
CA GLN A 446 34.23 -9.32 3.48
C GLN A 446 32.91 -9.92 2.99
N ILE A 447 31.84 -9.13 2.97
CA ILE A 447 30.55 -9.63 2.51
C ILE A 447 30.64 -10.03 1.04
N ALA A 448 31.35 -9.23 0.24
CA ALA A 448 31.45 -9.53 -1.19
C ALA A 448 32.16 -10.86 -1.43
N GLU A 449 33.20 -11.15 -0.64
CA GLU A 449 33.88 -12.44 -0.78
C GLU A 449 32.97 -13.58 -0.36
N PHE A 450 32.25 -13.41 0.75
CA PHE A 450 31.33 -14.45 1.22
C PHE A 450 30.30 -14.78 0.15
N LEU A 451 29.83 -13.77 -0.57
CA LEU A 451 28.87 -14.02 -1.64
C LEU A 451 29.49 -14.84 -2.77
N GLU A 452 30.74 -14.54 -3.12
CA GLU A 452 31.42 -15.31 -4.17
C GLU A 452 31.74 -16.71 -3.68
N GLN A 453 32.18 -16.83 -2.42
CA GLN A 453 32.38 -18.15 -1.82
C GLN A 453 31.07 -18.94 -1.80
N SER A 454 29.93 -18.26 -1.74
CA SER A 454 28.64 -18.94 -1.69
C SER A 454 28.30 -19.58 -3.03
N VAL A 455 28.45 -18.83 -4.12
CA VAL A 455 28.15 -19.40 -5.43
C VAL A 455 29.16 -20.46 -5.80
N LYS A 456 30.40 -20.35 -5.31
CA LYS A 456 31.39 -21.39 -5.54
C LYS A 456 30.97 -22.70 -4.87
N ASP A 457 30.39 -22.60 -3.68
CA ASP A 457 29.84 -23.75 -2.97
C ASP A 457 28.47 -24.18 -3.50
N SER A 458 28.12 -23.76 -4.71
CA SER A 458 26.89 -24.17 -5.39
C SER A 458 25.65 -23.74 -4.61
N CYS A 459 25.57 -22.44 -4.34
CA CYS A 459 24.38 -21.82 -3.76
C CYS A 459 24.01 -20.59 -4.57
N GLU A 460 22.81 -20.07 -4.30
CA GLU A 460 22.28 -18.97 -5.10
C GLU A 460 22.83 -17.61 -4.68
N GLY A 461 23.56 -17.52 -3.57
CA GLY A 461 23.98 -16.24 -3.05
C GLY A 461 23.90 -16.18 -1.54
N LEU A 462 23.39 -15.06 -1.00
CA LEU A 462 23.37 -14.84 0.43
C LEU A 462 21.98 -14.40 0.88
N MET A 463 21.59 -14.89 2.06
CA MET A 463 20.50 -14.30 2.82
C MET A 463 21.09 -13.46 3.95
N VAL A 464 20.53 -12.28 4.17
CA VAL A 464 21.01 -11.33 5.14
C VAL A 464 19.87 -11.03 6.11
N LYS A 465 20.12 -11.22 7.41
CA LYS A 465 19.07 -11.12 8.41
C LYS A 465 19.57 -10.33 9.61
N THR A 466 18.76 -9.39 10.09
CA THR A 466 19.09 -8.65 11.30
C THR A 466 19.08 -9.58 12.51
N LEU A 467 19.97 -9.28 13.47
CA LEU A 467 20.16 -10.12 14.63
C LEU A 467 19.38 -9.67 15.86
N ASP A 468 19.23 -8.36 16.09
CA ASP A 468 18.56 -7.92 17.31
C ASP A 468 17.57 -6.78 17.08
N VAL A 469 17.77 -5.98 16.04
CA VAL A 469 16.86 -4.89 15.71
C VAL A 469 15.87 -5.40 14.68
N ASP A 470 14.59 -5.43 15.05
CA ASP A 470 13.53 -5.96 14.19
C ASP A 470 13.88 -7.37 13.74
N ALA A 471 14.21 -8.23 14.71
CA ALA A 471 14.71 -9.56 14.43
C ALA A 471 13.79 -10.66 14.95
N THR A 472 12.50 -10.36 15.10
CA THR A 472 11.56 -11.40 15.46
C THR A 472 11.22 -12.24 14.24
N TYR A 473 10.66 -13.43 14.49
CA TYR A 473 10.23 -14.31 13.41
C TYR A 473 8.82 -13.90 12.99
N GLU A 474 8.69 -13.36 11.78
CA GLU A 474 7.42 -12.87 11.25
C GLU A 474 6.80 -13.98 10.40
N ILE A 475 5.85 -14.70 10.99
CA ILE A 475 5.16 -15.78 10.30
C ILE A 475 4.37 -15.24 9.13
N ALA A 476 4.39 -15.97 8.01
CA ALA A 476 3.52 -15.69 6.85
C ALA A 476 3.75 -14.29 6.30
N LYS A 477 5.00 -13.83 6.31
CA LYS A 477 5.32 -12.47 5.89
C LYS A 477 6.61 -12.48 5.07
N ARG A 478 6.60 -11.79 3.95
CA ARG A 478 7.84 -11.49 3.25
C ARG A 478 8.43 -10.24 3.89
N SER A 479 9.35 -10.44 4.82
CA SER A 479 9.82 -9.35 5.66
C SER A 479 10.90 -8.53 4.97
N HIS A 480 11.09 -7.31 5.47
CA HIS A 480 12.20 -6.47 5.07
C HIS A 480 13.39 -6.60 6.01
N ASN A 481 13.24 -7.38 7.08
CA ASN A 481 14.35 -7.72 7.96
C ASN A 481 15.17 -8.90 7.44
N TRP A 482 14.71 -9.54 6.35
CA TRP A 482 15.48 -10.53 5.61
CA TRP A 482 15.48 -10.53 5.61
C TRP A 482 15.68 -10.02 4.20
N LEU A 483 16.89 -10.16 3.67
CA LEU A 483 17.20 -9.69 2.33
C LEU A 483 17.96 -10.76 1.55
N LYS A 484 17.68 -10.85 0.25
CA LYS A 484 18.35 -11.79 -0.65
C LYS A 484 19.41 -11.06 -1.47
N LEU A 485 20.59 -11.64 -1.53
CA LEU A 485 21.67 -11.19 -2.42
C LEU A 485 21.88 -12.29 -3.46
N LYS A 486 21.05 -12.28 -4.49
CA LYS A 486 21.00 -13.34 -5.49
C LYS A 486 22.05 -13.11 -6.58
N LYS A 487 22.56 -14.21 -7.13
CA LYS A 487 23.56 -14.13 -8.19
C LYS A 487 22.94 -13.61 -9.49
N ASP A 488 21.70 -14.01 -9.79
CA ASP A 488 20.99 -13.57 -10.98
C ASP A 488 20.37 -12.19 -10.81
N TYR A 489 20.68 -11.48 -9.73
CA TYR A 489 20.18 -10.13 -9.45
C TYR A 489 18.67 -10.04 -9.57
N ASP A 495 20.78 -11.38 -20.46
CA ASP A 495 21.00 -11.82 -21.85
C ASP A 495 19.87 -11.36 -22.75
N THR A 496 20.21 -10.78 -23.91
CA THR A 496 19.24 -10.37 -24.91
C THR A 496 19.36 -11.25 -26.15
N LEU A 497 18.21 -11.69 -26.67
CA LEU A 497 18.18 -12.64 -27.77
C LEU A 497 17.08 -12.26 -28.75
N ASP A 498 17.30 -12.58 -30.02
CA ASP A 498 16.32 -12.39 -31.08
C ASP A 498 15.79 -13.76 -31.50
N LEU A 499 14.55 -14.05 -31.15
CA LEU A 499 13.95 -15.36 -31.37
C LEU A 499 12.74 -15.24 -32.28
N VAL A 500 12.44 -16.33 -32.98
CA VAL A 500 11.31 -16.40 -33.92
C VAL A 500 10.08 -16.93 -33.19
N VAL A 501 8.93 -16.34 -33.50
CA VAL A 501 7.65 -16.82 -32.99
C VAL A 501 7.15 -17.92 -33.93
N ILE A 502 7.06 -19.14 -33.40
CA ILE A 502 6.64 -20.28 -34.21
C ILE A 502 5.29 -20.85 -33.79
N GLY A 503 4.72 -20.39 -32.69
CA GLY A 503 3.45 -20.92 -32.23
C GLY A 503 2.83 -20.01 -31.20
N ALA A 504 1.51 -20.14 -31.06
CA ALA A 504 0.74 -19.35 -30.11
C ALA A 504 -0.14 -20.28 -29.28
N TYR A 505 -0.27 -19.95 -27.99
CA TYR A 505 -1.17 -20.64 -27.09
C TYR A 505 -2.36 -19.75 -26.78
N LEU A 506 -3.54 -20.36 -26.68
CA LEU A 506 -4.75 -19.58 -26.45
C LEU A 506 -4.79 -19.07 -25.01
N GLY A 507 -5.34 -17.87 -24.84
CA GLY A 507 -5.28 -17.18 -23.59
C GLY A 507 -6.49 -17.35 -22.71
N ARG A 508 -6.29 -17.14 -21.41
CA ARG A 508 -7.34 -17.17 -20.40
C ARG A 508 -7.34 -15.86 -19.64
N GLY A 509 -8.35 -15.68 -18.79
CA GLY A 509 -8.42 -14.49 -17.95
C GLY A 509 -8.50 -13.23 -18.79
N LYS A 510 -7.55 -12.31 -18.58
CA LYS A 510 -7.53 -11.07 -19.34
C LYS A 510 -7.27 -11.30 -20.82
N ARG A 511 -6.72 -12.45 -21.19
CA ARG A 511 -6.38 -12.77 -22.57
C ARG A 511 -7.36 -13.79 -23.17
N ALA A 512 -8.62 -13.75 -22.71
CA ALA A 512 -9.57 -14.79 -23.07
C ALA A 512 -9.83 -14.84 -24.57
N GLY A 513 -10.03 -13.69 -25.19
CA GLY A 513 -10.33 -13.68 -26.61
C GLY A 513 -9.12 -13.58 -27.50
N ARG A 514 -7.93 -13.93 -26.99
CA ARG A 514 -6.71 -13.77 -27.76
C ARG A 514 -5.69 -14.85 -27.44
N TYR A 515 -4.41 -14.47 -27.42
CA TYR A 515 -3.31 -15.41 -27.20
C TYR A 515 -2.71 -15.17 -25.83
N GLY A 516 -2.48 -16.25 -25.08
CA GLY A 516 -1.93 -16.14 -23.74
C GLY A 516 -0.44 -16.38 -23.65
N GLY A 517 0.12 -17.11 -24.62
CA GLY A 517 1.54 -17.38 -24.65
C GLY A 517 2.01 -17.57 -26.07
N PHE A 518 3.33 -17.73 -26.21
CA PHE A 518 3.95 -17.90 -27.51
C PHE A 518 5.12 -18.86 -27.38
N LEU A 519 5.33 -19.66 -28.42
CA LEU A 519 6.46 -20.56 -28.50
C LEU A 519 7.54 -19.90 -29.36
N LEU A 520 8.73 -19.73 -28.78
CA LEU A 520 9.85 -19.07 -29.44
C LEU A 520 10.89 -20.10 -29.87
N ALA A 521 11.69 -19.73 -30.87
CA ALA A 521 12.71 -20.63 -31.40
C ALA A 521 13.92 -19.84 -31.85
N SER A 522 15.08 -20.50 -31.82
CA SER A 522 16.33 -19.97 -32.37
C SER A 522 16.59 -20.59 -33.74
N TYR A 523 17.63 -20.10 -34.40
CA TYR A 523 17.96 -20.51 -35.75
C TYR A 523 19.19 -21.40 -35.73
N ASP A 524 19.07 -22.61 -36.25
CA ASP A 524 20.18 -23.56 -36.29
C ASP A 524 20.88 -23.44 -37.64
N GLU A 525 22.10 -22.91 -37.63
CA GLU A 525 22.80 -22.66 -38.89
C GLU A 525 23.13 -23.95 -39.62
N ASP A 526 23.51 -25.00 -38.88
CA ASP A 526 23.99 -26.22 -39.53
C ASP A 526 22.87 -26.95 -40.26
N SER A 527 21.68 -27.02 -39.66
CA SER A 527 20.55 -27.74 -40.24
C SER A 527 19.54 -26.82 -40.91
N GLU A 528 19.70 -25.50 -40.79
CA GLU A 528 18.74 -24.52 -41.31
C GLU A 528 17.33 -24.81 -40.78
N GLU A 529 17.25 -25.01 -39.46
CA GLU A 529 16.01 -25.34 -38.78
C GLU A 529 15.77 -24.36 -37.66
N LEU A 530 14.49 -24.15 -37.35
CA LEU A 530 14.07 -23.38 -36.18
C LEU A 530 13.83 -24.36 -35.03
N GLN A 531 14.56 -24.16 -33.93
CA GLN A 531 14.52 -25.07 -32.79
C GLN A 531 13.89 -24.34 -31.60
N ALA A 532 12.78 -24.89 -31.11
CA ALA A 532 12.08 -24.30 -29.97
C ALA A 532 13.04 -24.11 -28.80
N ILE A 533 12.93 -22.97 -28.12
CA ILE A 533 13.90 -22.61 -27.09
C ILE A 533 13.19 -22.30 -25.77
N CYS A 534 11.98 -21.76 -25.84
CA CYS A 534 11.26 -21.39 -24.63
C CYS A 534 9.84 -20.98 -24.99
N LYS A 535 9.02 -20.81 -23.95
CA LYS A 535 7.70 -20.21 -24.05
C LYS A 535 7.75 -18.80 -23.48
N LEU A 536 6.99 -17.89 -24.08
CA LEU A 536 6.97 -16.50 -23.66
C LEU A 536 5.55 -16.04 -23.47
N GLY A 537 5.28 -15.37 -22.35
CA GLY A 537 3.97 -14.80 -22.10
C GLY A 537 4.00 -13.53 -21.28
N THR A 538 5.18 -13.12 -20.83
CA THR A 538 5.32 -11.96 -19.97
C THR A 538 6.12 -10.87 -20.68
N GLY A 539 6.01 -9.66 -20.16
CA GLY A 539 6.66 -8.51 -20.76
C GLY A 539 5.79 -7.71 -21.71
N PHE A 540 4.57 -8.16 -21.99
CA PHE A 540 3.67 -7.44 -22.88
C PHE A 540 2.75 -6.53 -22.07
N SER A 541 2.49 -5.35 -22.60
CA SER A 541 1.37 -4.56 -22.13
C SER A 541 0.09 -5.06 -22.76
N ASP A 542 -1.02 -4.87 -22.04
CA ASP A 542 -2.31 -5.34 -22.55
C ASP A 542 -2.66 -4.65 -23.87
N GLU A 543 -2.22 -3.40 -24.04
CA GLU A 543 -2.51 -2.68 -25.28
C GLU A 543 -1.74 -3.27 -26.46
N GLU A 544 -0.42 -3.37 -26.34
CA GLU A 544 0.41 -3.87 -27.43
C GLU A 544 0.18 -5.35 -27.71
N LEU A 545 -0.63 -6.02 -26.89
CA LEU A 545 -1.02 -7.40 -27.19
C LEU A 545 -2.32 -7.45 -27.97
N GLU A 546 -3.36 -6.75 -27.48
CA GLU A 546 -4.65 -6.75 -28.15
C GLU A 546 -4.66 -5.89 -29.41
N GLU A 547 -3.69 -4.98 -29.55
CA GLU A 547 -3.63 -4.16 -30.75
C GLU A 547 -2.95 -4.90 -31.90
N HIS A 548 -1.95 -5.74 -31.60
CA HIS A 548 -1.23 -6.47 -32.62
C HIS A 548 -1.64 -7.93 -32.70
N HIS A 549 -2.74 -8.30 -32.04
CA HIS A 549 -3.17 -9.69 -32.05
C HIS A 549 -3.56 -10.14 -33.45
N GLN A 550 -4.25 -9.27 -34.20
CA GLN A 550 -4.69 -9.65 -35.54
C GLN A 550 -3.51 -9.89 -36.47
N SER A 551 -2.39 -9.20 -36.21
CA SER A 551 -1.20 -9.40 -37.03
C SER A 551 -0.69 -10.82 -36.92
N LEU A 552 -0.62 -11.35 -35.70
CA LEU A 552 -0.14 -12.73 -35.51
C LEU A 552 -1.19 -13.75 -35.91
N LYS A 553 -2.47 -13.45 -35.69
CA LYS A 553 -3.53 -14.38 -36.12
C LYS A 553 -3.53 -14.58 -37.62
N ALA A 554 -3.09 -13.57 -38.37
CA ALA A 554 -2.99 -13.68 -39.83
C ALA A 554 -1.92 -14.67 -40.27
N LEU A 555 -1.06 -15.14 -39.36
CA LEU A 555 0.04 -16.04 -39.69
C LEU A 555 -0.26 -17.48 -39.34
N VAL A 556 -1.50 -17.80 -38.96
CA VAL A 556 -1.85 -19.15 -38.53
C VAL A 556 -1.75 -20.11 -39.71
N LEU A 557 -1.07 -21.22 -39.51
CA LEU A 557 -0.97 -22.30 -40.49
C LEU A 557 -1.78 -23.51 -40.04
N PRO A 558 -2.21 -24.35 -40.98
CA PRO A 558 -2.85 -25.60 -40.57
C PRO A 558 -1.88 -26.63 -40.02
N SER A 559 -0.61 -26.58 -40.44
CA SER A 559 0.35 -27.62 -40.13
C SER A 559 1.70 -26.98 -39.85
N PRO A 560 2.56 -27.63 -39.06
CA PRO A 560 3.89 -27.06 -38.82
C PRO A 560 4.76 -27.14 -40.06
N ARG A 561 5.55 -26.09 -40.27
CA ARG A 561 6.49 -26.07 -41.38
C ARG A 561 7.57 -27.14 -41.17
N PRO A 562 8.08 -27.74 -42.26
CA PRO A 562 9.00 -28.88 -42.10
C PRO A 562 10.27 -28.55 -41.33
N TYR A 563 10.74 -27.30 -41.37
CA TYR A 563 11.99 -26.93 -40.73
C TYR A 563 11.81 -26.51 -39.28
N VAL A 564 10.58 -26.50 -38.77
CA VAL A 564 10.32 -26.16 -37.38
C VAL A 564 10.42 -27.42 -36.53
N ARG A 565 11.25 -27.38 -35.50
CA ARG A 565 11.52 -28.54 -34.65
C ARG A 565 11.29 -28.16 -33.19
N ILE A 566 10.32 -28.80 -32.55
CA ILE A 566 9.98 -28.49 -31.17
C ILE A 566 10.22 -29.65 -30.20
N ASP A 567 10.44 -30.87 -30.69
CA ASP A 567 10.64 -32.05 -29.85
C ASP A 567 9.55 -32.19 -28.78
N GLY A 568 9.95 -32.11 -27.51
CA GLY A 568 9.08 -32.35 -26.39
C GLY A 568 8.34 -31.15 -25.85
N ALA A 569 8.45 -29.99 -26.51
CA ALA A 569 7.73 -28.82 -26.04
C ALA A 569 6.22 -29.02 -26.17
N VAL A 570 5.46 -28.18 -25.49
CA VAL A 570 4.01 -28.23 -25.59
C VAL A 570 3.60 -27.78 -26.99
N ILE A 571 2.93 -28.66 -27.72
CA ILE A 571 2.51 -28.34 -29.08
C ILE A 571 1.62 -27.10 -29.06
N PRO A 572 1.86 -26.10 -29.91
CA PRO A 572 1.06 -24.88 -29.83
C PRO A 572 -0.40 -25.13 -30.19
N ASP A 573 -1.27 -24.31 -29.62
CA ASP A 573 -2.67 -24.34 -30.03
C ASP A 573 -2.82 -23.89 -31.48
N HIS A 574 -1.95 -23.01 -31.94
CA HIS A 574 -1.89 -22.60 -33.35
C HIS A 574 -0.45 -22.48 -33.79
N TRP A 575 -0.10 -23.18 -34.87
CA TRP A 575 1.18 -22.94 -35.52
C TRP A 575 1.16 -21.60 -36.24
N LEU A 576 2.23 -20.84 -36.11
CA LEU A 576 2.34 -19.53 -36.73
C LEU A 576 3.42 -19.55 -37.80
N ASP A 577 3.14 -18.90 -38.93
CA ASP A 577 4.11 -18.79 -40.01
C ASP A 577 5.36 -18.11 -39.49
N PRO A 578 6.51 -18.77 -39.49
CA PRO A 578 7.71 -18.15 -38.93
C PRO A 578 8.09 -16.89 -39.69
N SER A 579 7.94 -15.75 -39.04
CA SER A 579 8.16 -14.47 -39.70
C SER A 579 8.44 -13.39 -38.66
N ALA A 580 7.77 -13.48 -37.51
CA ALA A 580 7.94 -12.50 -36.47
C ALA A 580 9.19 -12.83 -35.66
N VAL A 581 10.10 -11.86 -35.55
CA VAL A 581 11.29 -11.96 -34.72
C VAL A 581 11.15 -10.96 -33.58
N TRP A 582 11.33 -11.43 -32.35
CA TRP A 582 11.16 -10.62 -31.15
C TRP A 582 12.46 -10.55 -30.37
N GLU A 583 12.77 -9.37 -29.85
CA GLU A 583 13.89 -9.23 -28.92
C GLU A 583 13.41 -9.64 -27.53
N VAL A 584 14.08 -10.62 -26.93
CA VAL A 584 13.67 -11.20 -25.66
C VAL A 584 14.84 -11.19 -24.69
N LYS A 585 14.58 -10.81 -23.46
CA LYS A 585 15.55 -10.85 -22.38
C LYS A 585 15.25 -12.03 -21.45
N CYS A 586 16.27 -12.47 -20.73
CA CYS A 586 16.09 -13.57 -19.79
C CYS A 586 17.08 -13.43 -18.65
N ALA A 587 16.78 -14.10 -17.53
CA ALA A 587 17.70 -14.13 -16.40
C ALA A 587 18.96 -14.90 -16.75
N ASP A 588 18.81 -16.18 -17.09
CA ASP A 588 19.93 -17.01 -17.49
C ASP A 588 19.41 -18.10 -18.42
N LEU A 589 20.34 -18.88 -18.96
CA LEU A 589 20.01 -20.06 -19.73
C LEU A 589 20.18 -21.31 -18.88
N SER A 590 19.59 -22.42 -19.32
CA SER A 590 19.64 -23.64 -18.53
C SER A 590 19.51 -24.84 -19.46
N LEU A 591 20.23 -25.92 -19.12
CA LEU A 591 20.07 -27.18 -19.83
C LEU A 591 18.65 -27.72 -19.63
N SER A 592 18.03 -28.17 -20.71
CA SER A 592 16.64 -28.61 -20.68
C SER A 592 16.51 -29.93 -21.43
N PRO A 593 15.86 -30.94 -20.86
CA PRO A 593 15.57 -32.17 -21.60
C PRO A 593 14.38 -32.06 -22.53
N ILE A 594 13.72 -30.91 -22.57
CA ILE A 594 12.50 -30.70 -23.33
C ILE A 594 12.78 -30.00 -24.66
N TYR A 595 13.53 -28.90 -24.63
CA TYR A 595 13.67 -28.06 -25.81
C TYR A 595 14.90 -28.49 -26.63
N PRO A 596 14.77 -28.49 -27.95
CA PRO A 596 15.85 -28.99 -28.83
C PRO A 596 16.90 -27.97 -29.23
N ALA A 597 16.80 -26.72 -28.79
CA ALA A 597 17.71 -25.67 -29.22
C ALA A 597 19.14 -26.00 -28.77
N ALA A 598 20.03 -26.18 -29.75
CA ALA A 598 21.44 -26.51 -29.49
C ALA A 598 21.55 -27.80 -28.68
N ARG A 599 20.81 -28.83 -29.09
CA ARG A 599 20.68 -30.05 -28.29
C ARG A 599 22.04 -30.70 -28.05
N GLY A 600 22.89 -30.76 -29.07
CA GLY A 600 24.16 -31.43 -28.92
C GLY A 600 25.37 -30.51 -29.01
N LEU A 601 25.31 -29.37 -28.33
CA LEU A 601 26.39 -28.39 -28.38
C LEU A 601 27.06 -28.14 -27.04
N VAL A 602 26.34 -28.29 -25.93
CA VAL A 602 26.90 -28.18 -24.59
C VAL A 602 26.79 -29.48 -23.81
N ASP A 603 25.64 -30.15 -23.93
CA ASP A 603 25.45 -31.48 -23.40
C ASP A 603 25.03 -32.40 -24.55
N SER A 604 25.27 -33.70 -24.36
CA SER A 604 25.07 -34.65 -25.46
C SER A 604 23.60 -34.88 -25.77
N ASP A 605 22.71 -34.73 -24.78
CA ASP A 605 21.31 -35.06 -25.01
C ASP A 605 20.38 -34.10 -24.26
N LYS A 606 20.80 -32.86 -24.06
CA LYS A 606 20.00 -31.91 -23.29
C LYS A 606 19.45 -30.86 -24.23
N GLY A 607 20.13 -29.75 -24.46
CA GLY A 607 19.51 -28.60 -25.08
C GLY A 607 19.34 -27.47 -24.09
N ILE A 608 19.30 -26.25 -24.62
CA ILE A 608 19.32 -25.03 -23.81
C ILE A 608 17.97 -24.33 -23.89
N SER A 609 17.52 -23.80 -22.76
CA SER A 609 16.28 -23.05 -22.68
C SER A 609 16.53 -21.76 -21.90
N LEU A 610 15.59 -20.83 -22.00
CA LEU A 610 15.68 -19.53 -21.34
C LEU A 610 14.90 -19.56 -20.03
N ARG A 611 15.54 -19.14 -18.95
CA ARG A 611 14.90 -19.06 -17.65
C ARG A 611 14.32 -17.66 -17.45
N PHE A 612 13.03 -17.60 -17.14
CA PHE A 612 12.30 -16.34 -16.96
C PHE A 612 12.48 -15.37 -18.13
N PRO A 613 12.05 -15.74 -19.33
CA PRO A 613 12.16 -14.82 -20.46
C PRO A 613 11.11 -13.72 -20.39
N ARG A 614 11.41 -12.62 -21.08
CA ARG A 614 10.54 -11.47 -21.09
C ARG A 614 10.63 -10.79 -22.44
N PHE A 615 9.48 -10.36 -22.97
CA PHE A 615 9.44 -9.65 -24.24
C PHE A 615 9.97 -8.23 -24.08
N ILE A 616 10.67 -7.74 -25.10
CA ILE A 616 11.20 -6.38 -25.08
C ILE A 616 10.64 -5.58 -26.24
N ARG A 617 10.88 -6.03 -27.46
CA ARG A 617 10.60 -5.23 -28.65
C ARG A 617 10.44 -6.17 -29.85
N VAL A 618 9.59 -5.77 -30.79
CA VAL A 618 9.55 -6.45 -32.08
C VAL A 618 10.79 -6.06 -32.89
N ARG A 619 11.30 -7.00 -33.68
CA ARG A 619 12.40 -6.75 -34.60
C ARG A 619 11.88 -7.01 -36.01
N GLU A 620 11.12 -6.05 -36.53
CA GLU A 620 10.51 -6.20 -37.85
C GLU A 620 11.53 -6.13 -38.97
N ASP A 621 12.74 -5.64 -38.69
CA ASP A 621 13.81 -5.59 -39.70
C ASP A 621 14.51 -6.93 -39.88
N LYS A 622 14.40 -7.84 -38.92
CA LYS A 622 15.03 -9.15 -39.01
C LYS A 622 14.02 -10.19 -39.49
N GLN A 623 14.49 -11.08 -40.32
CA GLN A 623 13.74 -12.24 -40.78
C GLN A 623 14.14 -13.46 -39.97
N PRO A 624 13.36 -14.55 -40.02
CA PRO A 624 13.68 -15.72 -39.17
C PRO A 624 15.11 -16.21 -39.26
N GLU A 625 15.69 -16.29 -40.47
CA GLU A 625 17.05 -16.76 -40.64
C GLU A 625 18.10 -15.79 -40.10
N GLN A 626 17.69 -14.62 -39.60
CA GLN A 626 18.59 -13.69 -38.93
C GLN A 626 18.40 -13.68 -37.43
N ALA A 627 17.73 -14.69 -36.88
CA ALA A 627 17.55 -14.80 -35.45
C ALA A 627 18.86 -15.20 -34.78
N THR A 628 18.89 -15.10 -33.45
CA THR A 628 20.02 -15.62 -32.69
C THR A 628 20.24 -17.08 -33.02
N THR A 629 21.46 -17.40 -33.45
CA THR A 629 21.77 -18.76 -33.86
C THR A 629 21.87 -19.69 -32.65
N SER A 630 21.67 -20.99 -32.91
CA SER A 630 21.82 -21.98 -31.85
C SER A 630 23.25 -22.02 -31.32
N ALA A 631 24.23 -21.92 -32.23
CA ALA A 631 25.63 -21.80 -31.82
C ALA A 631 25.82 -20.62 -30.88
N GLN A 632 25.13 -19.51 -31.13
CA GLN A 632 25.23 -18.37 -30.22
C GLN A 632 24.59 -18.68 -28.88
N VAL A 633 23.57 -19.53 -28.85
CA VAL A 633 22.95 -19.90 -27.59
C VAL A 633 23.89 -20.72 -26.74
N ALA A 634 24.60 -21.67 -27.38
CA ALA A 634 25.60 -22.44 -26.66
C ALA A 634 26.73 -21.56 -26.15
N CYS A 635 27.23 -20.65 -26.99
CA CYS A 635 28.30 -19.75 -26.57
C CYS A 635 27.88 -18.93 -25.36
N LEU A 636 26.63 -18.47 -25.33
CA LEU A 636 26.17 -17.70 -24.18
C LEU A 636 26.08 -18.57 -22.93
N TYR A 637 25.75 -19.85 -23.10
CA TYR A 637 25.65 -20.73 -21.93
C TYR A 637 27.02 -21.01 -21.33
N ARG A 638 28.05 -21.17 -22.17
CA ARG A 638 29.38 -21.43 -21.66
C ARG A 638 29.92 -20.28 -20.83
N LYS A 639 29.41 -19.07 -21.06
CA LYS A 639 29.77 -17.92 -20.23
C LYS A 639 28.76 -17.71 -19.11
N GLN A 640 27.51 -17.43 -19.47
CA GLN A 640 26.44 -17.10 -18.52
C GLN A 640 26.77 -15.84 -17.71
N LEU E 1 27.42 16.48 24.61
CA LEU E 1 27.51 16.54 23.16
C LEU E 1 27.53 17.99 22.66
N ASP E 2 28.51 18.30 21.84
CA ASP E 2 28.55 19.60 21.17
C ASP E 2 27.49 19.63 20.07
N PRO E 3 26.80 20.76 19.88
CA PRO E 3 25.73 20.80 18.86
C PRO E 3 26.20 20.44 17.46
N SER E 4 27.46 20.71 17.12
CA SER E 4 27.96 20.39 15.79
CA SER E 4 27.95 20.38 15.79
C SER E 4 27.95 18.89 15.53
N GLY E 5 27.99 18.06 16.57
CA GLY E 5 27.89 16.63 16.44
C GLY E 5 26.51 16.06 16.69
N TYR E 6 25.49 16.91 16.84
CA TYR E 6 24.13 16.46 17.09
C TYR E 6 23.67 15.54 15.96
N ASN E 7 23.14 14.37 16.33
CA ASN E 7 22.74 13.36 15.34
C ASN E 7 21.38 12.79 15.75
N PRO E 8 20.29 13.46 15.37
CA PRO E 8 18.96 12.94 15.70
C PRO E 8 18.52 11.77 14.83
N ALA E 9 19.38 11.27 13.96
CA ALA E 9 19.03 10.17 13.08
C ALA E 9 19.58 8.84 13.55
N LYS E 10 20.25 8.80 14.71
CA LYS E 10 20.81 7.56 15.22
C LYS E 10 19.70 6.60 15.66
N ASN E 11 20.05 5.32 15.68
CA ASN E 11 19.17 4.31 16.22
C ASN E 11 19.22 4.34 17.75
N ASN E 12 18.09 4.04 18.37
CA ASN E 12 17.92 4.15 19.81
C ASN E 12 18.34 5.54 20.29
N TYR E 13 17.51 6.51 19.92
CA TYR E 13 17.75 7.90 20.28
C TYR E 13 17.19 8.16 21.68
N HIS E 14 18.01 8.75 22.54
CA HIS E 14 17.58 9.08 23.90
C HIS E 14 17.35 10.57 23.99
N PRO E 15 16.12 11.03 24.24
CA PRO E 15 15.82 12.47 24.18
C PRO E 15 16.64 13.32 25.14
N VAL E 16 17.16 12.75 26.22
CA VAL E 16 17.93 13.50 27.21
C VAL E 16 19.42 13.35 26.98
N GLU E 17 19.90 12.11 26.81
CA GLU E 17 21.33 11.88 26.75
C GLU E 17 21.92 12.24 25.39
N ASP E 18 21.13 12.18 24.33
CA ASP E 18 21.60 12.47 22.99
C ASP E 18 21.35 13.91 22.56
N ALA E 19 20.75 14.73 23.41
CA ALA E 19 20.55 16.14 23.09
C ALA E 19 21.87 16.90 23.26
N CYS E 20 21.90 18.10 22.71
CA CYS E 20 23.10 18.92 22.68
C CYS E 20 22.87 20.28 23.34
N TRP E 21 22.07 20.31 24.39
CA TRP E 21 21.91 21.52 25.20
C TRP E 21 21.39 21.11 26.58
N LYS E 22 21.51 22.03 27.52
CA LYS E 22 21.14 21.72 28.89
C LYS E 22 19.64 21.94 29.10
N PRO E 23 19.04 21.26 30.08
CA PRO E 23 17.60 21.46 30.34
C PRO E 23 17.32 22.88 30.79
N GLY E 24 16.15 23.38 30.39
CA GLY E 24 15.79 24.74 30.73
C GLY E 24 16.50 25.82 29.96
N GLN E 25 17.34 25.45 29.00
CA GLN E 25 18.10 26.39 28.20
C GLN E 25 17.54 26.47 26.78
N LYS E 26 17.93 27.53 26.08
CA LYS E 26 17.42 27.75 24.73
C LYS E 26 17.96 26.69 23.77
N VAL E 27 17.07 26.13 22.96
CA VAL E 27 17.51 25.18 21.93
C VAL E 27 18.41 25.90 20.94
N PRO E 28 19.62 25.40 20.70
CA PRO E 28 20.50 26.08 19.73
C PRO E 28 20.01 25.86 18.32
N TYR E 29 20.21 26.88 17.47
CA TYR E 29 19.77 26.74 16.08
C TYR E 29 20.56 25.65 15.36
N LEU E 30 21.80 25.37 15.81
CA LEU E 30 22.60 24.34 15.17
C LEU E 30 21.97 22.97 15.31
N ALA E 31 21.32 22.70 16.45
CA ALA E 31 20.57 21.47 16.60
C ALA E 31 19.46 21.37 15.55
N VAL E 32 18.80 22.50 15.25
CA VAL E 32 17.81 22.52 14.19
C VAL E 32 18.47 22.27 12.84
N ALA E 33 19.53 23.04 12.53
CA ALA E 33 20.23 22.87 11.26
C ALA E 33 20.76 21.45 11.09
N ARG E 34 21.33 20.88 12.16
CA ARG E 34 21.81 19.50 12.10
C ARG E 34 20.66 18.54 11.82
N THR E 35 19.49 18.78 12.42
CA THR E 35 18.33 17.95 12.11
C THR E 35 17.97 18.05 10.63
N PHE E 36 18.05 19.26 10.06
CA PHE E 36 17.76 19.41 8.64
C PHE E 36 18.77 18.64 7.79
N GLU E 37 20.05 18.69 8.15
CA GLU E 37 21.07 17.93 7.42
C GLU E 37 20.76 16.45 7.43
N LYS E 38 20.43 15.89 8.60
CA LYS E 38 20.13 14.47 8.69
C LYS E 38 18.89 14.11 7.89
N ILE E 39 17.90 15.01 7.86
CA ILE E 39 16.67 14.72 7.14
C ILE E 39 16.94 14.59 5.64
N GLU E 40 17.85 15.43 5.12
CA GLU E 40 18.17 15.37 3.70
C GLU E 40 19.07 14.19 3.35
N GLU E 41 19.93 13.75 4.28
CA GLU E 41 20.81 12.62 4.01
C GLU E 41 20.01 11.35 3.76
N VAL E 42 19.15 10.99 4.72
CA VAL E 42 18.26 9.85 4.50
C VAL E 42 17.17 10.23 3.51
N SER E 43 16.58 9.21 2.87
CA SER E 43 15.57 9.41 1.86
C SER E 43 14.22 8.79 2.17
N ALA E 44 14.15 7.81 3.06
CA ALA E 44 12.88 7.22 3.44
C ALA E 44 12.05 8.20 4.26
N ARG E 45 10.78 8.38 3.88
CA ARG E 45 9.93 9.33 4.57
C ARG E 45 9.79 8.98 6.05
N LEU E 46 9.68 7.70 6.37
CA LEU E 46 9.55 7.29 7.77
C LEU E 46 10.79 7.68 8.57
N ARG E 47 11.97 7.58 7.96
CA ARG E 47 13.20 7.95 8.65
C ARG E 47 13.29 9.46 8.84
N MET E 48 12.87 10.23 7.84
CA MET E 48 12.86 11.68 7.97
C MET E 48 11.93 12.12 9.11
N VAL E 49 10.70 11.60 9.12
CA VAL E 49 9.75 11.97 10.17
C VAL E 49 10.30 11.58 11.54
N GLU E 50 10.92 10.40 11.63
CA GLU E 50 11.47 9.94 12.91
C GLU E 50 12.64 10.81 13.36
N THR E 51 13.45 11.28 12.40
CA THR E 51 14.58 12.13 12.73
C THR E 51 14.11 13.48 13.27
N LEU E 52 13.11 14.08 12.63
CA LEU E 52 12.53 15.31 13.17
C LEU E 52 11.82 15.06 14.49
N SER E 53 11.15 13.91 14.62
CA SER E 53 10.48 13.58 15.87
C SER E 53 11.48 13.51 17.02
N ASN E 54 12.69 13.00 16.76
CA ASN E 54 13.69 12.89 17.82
C ASN E 54 14.11 14.27 18.33
N LEU E 55 14.26 15.23 17.42
CA LEU E 55 14.55 16.60 17.85
C LEU E 55 13.41 17.15 18.69
N LEU E 56 12.17 16.97 18.21
CA LEU E 56 11.02 17.45 18.98
C LEU E 56 10.92 16.77 20.34
N ARG E 57 11.36 15.50 20.44
CA ARG E 57 11.36 14.82 21.73
C ARG E 57 12.29 15.50 22.72
N SER E 58 13.49 15.91 22.26
CA SER E 58 14.40 16.59 23.16
C SER E 58 13.92 17.99 23.51
N VAL E 59 13.28 18.67 22.55
CA VAL E 59 12.72 19.98 22.82
C VAL E 59 11.61 19.88 23.86
N VAL E 60 10.72 18.90 23.69
CA VAL E 60 9.64 18.69 24.66
C VAL E 60 10.21 18.37 26.04
N ALA E 61 11.27 17.56 26.09
CA ALA E 61 11.81 17.10 27.36
C ALA E 61 12.60 18.20 28.09
N LEU E 62 13.45 18.95 27.39
CA LEU E 62 14.34 19.89 28.06
C LEU E 62 13.89 21.34 28.00
N SER E 63 13.25 21.78 26.91
CA SER E 63 12.95 23.20 26.70
C SER E 63 11.58 23.36 26.05
N PRO E 64 10.50 23.11 26.80
CA PRO E 64 9.16 23.12 26.20
C PRO E 64 8.79 24.47 25.58
N PRO E 65 9.15 25.61 26.19
CA PRO E 65 8.79 26.89 25.54
C PRO E 65 9.35 27.07 24.13
N ASP E 66 10.35 26.28 23.73
CA ASP E 66 10.93 26.38 22.39
C ASP E 66 10.25 25.47 21.37
N LEU E 67 9.24 24.69 21.77
CA LEU E 67 8.56 23.81 20.82
C LEU E 67 7.89 24.61 19.71
N LEU E 68 7.21 25.70 20.06
CA LEU E 68 6.52 26.49 19.04
C LEU E 68 7.48 27.13 18.04
N PRO E 69 8.55 27.83 18.46
CA PRO E 69 9.48 28.38 17.45
C PRO E 69 10.13 27.31 16.58
N VAL E 70 10.47 26.15 17.15
CA VAL E 70 11.12 25.11 16.36
C VAL E 70 10.16 24.57 15.30
N LEU E 71 8.88 24.43 15.66
CA LEU E 71 7.90 23.94 14.70
C LEU E 71 7.74 24.92 13.54
N TYR E 72 7.68 26.21 13.84
CA TYR E 72 7.60 27.20 12.76
C TYR E 72 8.86 27.17 11.89
N LEU E 73 10.02 27.01 12.52
CA LEU E 73 11.26 26.94 11.75
C LEU E 73 11.27 25.75 10.80
N SER E 74 10.66 24.64 11.21
CA SER E 74 10.60 23.46 10.35
C SER E 74 9.59 23.60 9.23
N LEU E 75 8.50 24.35 9.47
CA LEU E 75 7.51 24.60 8.43
C LEU E 75 7.84 25.80 7.56
N ASN E 76 8.87 26.57 7.93
CA ASN E 76 9.22 27.80 7.22
C ASN E 76 8.03 28.76 7.14
N HIS E 77 7.34 28.92 8.27
CA HIS E 77 6.30 29.92 8.42
C HIS E 77 6.61 30.78 9.64
N LEU E 78 5.87 31.87 9.79
CA LEU E 78 6.17 32.84 10.84
C LEU E 78 5.06 32.99 11.87
N GLY E 79 3.99 32.21 11.78
CA GLY E 79 2.87 32.33 12.68
C GLY E 79 1.60 31.83 12.01
N PRO E 80 0.46 32.03 12.67
CA PRO E 80 -0.82 31.61 12.09
C PRO E 80 -1.05 32.28 10.75
N PRO E 81 -1.65 31.58 9.79
CA PRO E 81 -1.73 32.13 8.42
C PRO E 81 -2.53 33.41 8.30
N GLN E 82 -3.55 33.61 9.14
CA GLN E 82 -4.36 34.83 9.02
C GLN E 82 -3.57 36.09 9.34
N GLN E 83 -2.51 35.98 10.14
CA GLN E 83 -1.69 37.15 10.45
C GLN E 83 -0.90 37.64 9.25
N GLY E 84 -0.61 36.76 8.30
CA GLY E 84 0.00 37.16 7.04
C GLY E 84 1.39 37.75 7.10
N LEU E 85 2.30 37.15 7.86
CA LEU E 85 3.70 37.55 7.86
C LEU E 85 4.43 36.78 6.77
N ALA E 86 5.07 37.51 5.85
CA ALA E 86 5.64 36.92 4.65
C ALA E 86 7.16 36.97 4.71
N LEU E 87 7.79 35.83 4.44
CA LEU E 87 9.23 35.75 4.25
C LEU E 87 9.49 35.31 2.81
N GLY E 88 9.68 36.29 1.93
CA GLY E 88 9.99 36.00 0.54
C GLY E 88 11.18 36.79 0.04
N VAL E 89 12.23 36.84 0.87
CA VAL E 89 13.43 37.58 0.52
C VAL E 89 14.08 36.95 -0.70
N GLY E 90 14.37 37.78 -1.70
CA GLY E 90 14.96 37.27 -2.91
C GLY E 90 16.47 37.17 -2.85
N ASP E 91 17.04 36.54 -3.89
CA ASP E 91 18.48 36.40 -3.97
C ASP E 91 19.19 37.75 -3.98
N GLY E 92 18.54 38.78 -4.53
CA GLY E 92 19.17 40.09 -4.59
C GLY E 92 19.51 40.64 -3.22
N VAL E 93 18.54 40.58 -2.29
CA VAL E 93 18.80 41.07 -0.94
C VAL E 93 19.70 40.11 -0.17
N LEU E 94 19.55 38.80 -0.41
CA LEU E 94 20.40 37.83 0.26
C LEU E 94 21.85 37.99 -0.15
N LEU E 95 22.10 38.11 -1.46
CA LEU E 95 23.47 38.31 -1.95
C LEU E 95 24.08 39.59 -1.39
N LYS E 96 23.26 40.64 -1.21
CA LYS E 96 23.79 41.88 -0.65
C LYS E 96 24.21 41.68 0.80
N ALA E 97 23.45 40.88 1.56
CA ALA E 97 23.80 40.61 2.95
C ALA E 97 25.05 39.73 3.06
N VAL E 98 25.16 38.72 2.20
CA VAL E 98 26.36 37.89 2.18
C VAL E 98 27.59 38.74 1.87
N ALA E 99 27.48 39.64 0.89
CA ALA E 99 28.61 40.51 0.55
C ALA E 99 29.00 41.42 1.71
N GLN E 100 28.03 41.85 2.51
CA GLN E 100 28.33 42.70 3.66
C GLN E 100 28.93 41.89 4.81
N ALA E 101 28.40 40.70 5.06
CA ALA E 101 28.92 39.84 6.11
C ALA E 101 30.38 39.45 5.85
N THR E 102 30.72 39.18 4.58
CA THR E 102 32.04 38.68 4.22
C THR E 102 32.98 39.76 3.74
N GLY E 103 32.53 41.01 3.65
CA GLY E 103 33.37 42.06 3.14
C GLY E 103 33.83 41.87 1.71
N ARG E 104 33.04 41.17 0.90
CA ARG E 104 33.37 40.90 -0.49
C ARG E 104 32.50 41.71 -1.43
N GLN E 105 32.98 41.89 -2.66
CA GLN E 105 32.20 42.61 -3.66
C GLN E 105 30.96 41.82 -4.05
N LEU E 106 29.90 42.55 -4.41
CA LEU E 106 28.63 41.91 -4.70
C LEU E 106 28.72 41.02 -5.94
N GLU E 107 29.46 41.46 -6.96
CA GLU E 107 29.56 40.66 -8.17
C GLU E 107 30.29 39.35 -7.90
N SER E 108 31.35 39.39 -7.08
CA SER E 108 32.05 38.16 -6.74
C SER E 108 31.14 37.21 -5.95
N VAL E 109 30.37 37.74 -5.00
CA VAL E 109 29.45 36.91 -4.24
C VAL E 109 28.35 36.36 -5.15
N ARG E 110 27.94 37.14 -6.15
CA ARG E 110 26.91 36.67 -7.08
C ARG E 110 27.44 35.53 -7.94
N ALA E 111 28.67 35.66 -8.45
CA ALA E 111 29.25 34.62 -9.30
C ALA E 111 29.42 33.32 -8.54
N GLU E 112 29.89 33.38 -7.29
CA GLU E 112 30.07 32.17 -6.50
C GLU E 112 28.74 31.50 -6.19
N ALA E 113 27.69 32.28 -5.95
CA ALA E 113 26.37 31.70 -5.68
C ALA E 113 25.79 31.06 -6.94
N ALA E 114 26.07 31.63 -8.11
CA ALA E 114 25.64 30.98 -9.35
C ALA E 114 26.44 29.71 -9.61
N GLU E 115 27.74 29.75 -9.33
CA GLU E 115 28.58 28.58 -9.55
C GLU E 115 28.20 27.44 -8.60
N LYS E 116 27.85 27.77 -7.36
CA LYS E 116 27.52 26.76 -6.36
C LYS E 116 26.04 26.37 -6.36
N GLY E 117 25.18 27.15 -7.02
CA GLY E 117 23.75 26.88 -7.00
C GLY E 117 23.04 27.23 -5.71
N ASP E 118 23.68 27.99 -4.83
CA ASP E 118 23.07 28.31 -3.54
C ASP E 118 23.76 29.54 -2.95
N VAL E 119 22.97 30.43 -2.35
CA VAL E 119 23.52 31.63 -1.76
C VAL E 119 24.09 31.34 -0.37
N GLY E 120 23.36 30.58 0.45
CA GLY E 120 23.81 30.31 1.80
C GLY E 120 25.17 29.64 1.86
N LEU E 121 25.48 28.78 0.89
CA LEU E 121 26.79 28.14 0.85
C LEU E 121 27.91 29.16 0.79
N VAL E 122 27.67 30.33 0.19
CA VAL E 122 28.72 31.35 0.12
C VAL E 122 28.94 32.00 1.48
N ALA E 123 27.90 32.07 2.31
CA ALA E 123 28.02 32.66 3.64
C ALA E 123 28.64 31.70 4.65
N GLU E 124 28.91 30.46 4.28
CA GLU E 124 29.48 29.48 5.19
C GLU E 124 30.99 29.53 5.25
N ASN E 125 31.63 30.45 4.53
CA ASN E 125 33.09 30.52 4.53
C ASN E 125 33.64 30.79 5.93
N SER E 126 32.96 31.65 6.69
CA SER E 126 33.30 31.95 8.08
C SER E 126 34.75 32.37 8.24
N ARG E 127 35.09 33.60 7.87
CA ARG E 127 36.35 34.18 8.28
C ARG E 127 36.30 34.51 9.77
N SER E 128 37.48 34.53 10.38
CA SER E 128 37.53 34.70 11.83
C SER E 128 37.10 36.11 12.25
N THR E 129 36.48 36.18 13.42
CA THR E 129 36.04 37.45 13.97
C THR E 129 37.24 38.31 14.32
N GLN E 130 37.13 39.63 14.06
CA GLN E 130 38.20 40.57 14.40
C GLN E 130 38.58 40.42 15.87
N ARG E 131 39.88 40.24 16.11
CA ARG E 131 40.36 39.81 17.43
C ARG E 131 40.07 40.84 18.51
N LEU E 132 39.80 42.10 18.15
CA LEU E 132 39.52 43.13 19.14
C LEU E 132 38.18 42.95 19.82
N MET E 133 37.36 41.99 19.37
CA MET E 133 36.04 41.78 19.92
C MET E 133 35.69 40.30 19.87
N LEU E 134 34.74 39.90 20.68
CA LEU E 134 34.30 38.52 20.74
C LEU E 134 33.31 38.24 19.61
N PRO E 135 33.35 37.06 19.01
CA PRO E 135 32.33 36.69 18.04
C PRO E 135 30.95 36.65 18.69
N PRO E 136 29.88 36.77 17.92
CA PRO E 136 28.55 36.66 18.50
C PRO E 136 28.37 35.30 19.14
N PRO E 137 27.60 35.23 20.21
CA PRO E 137 27.28 33.92 20.80
C PRO E 137 26.51 33.07 19.81
N PRO E 138 26.49 31.75 20.00
CA PRO E 138 25.75 30.88 19.07
C PRO E 138 24.29 31.31 18.92
N LEU E 139 23.74 31.07 17.74
CA LEU E 139 22.35 31.38 17.47
C LEU E 139 21.44 30.39 18.18
N THR E 140 20.30 30.87 18.65
CA THR E 140 19.26 30.04 19.23
C THR E 140 18.05 30.00 18.31
N ALA E 141 17.34 28.87 18.33
CA ALA E 141 16.14 28.74 17.51
C ALA E 141 15.14 29.84 17.79
N SER E 142 14.96 30.18 19.07
CA SER E 142 14.08 31.28 19.43
C SER E 142 14.62 32.61 18.89
N GLY E 143 15.93 32.81 18.96
CA GLY E 143 16.50 34.06 18.49
C GLY E 143 16.37 34.23 16.99
N VAL E 144 16.67 33.18 16.21
CA VAL E 144 16.50 33.25 14.77
C VAL E 144 15.04 33.50 14.42
N PHE E 145 14.12 32.84 15.14
CA PHE E 145 12.70 32.98 14.84
C PHE E 145 12.24 34.41 15.02
N SER E 146 12.73 35.11 16.05
CA SER E 146 12.33 36.49 16.26
C SER E 146 12.98 37.42 15.24
N LYS E 147 14.18 37.07 14.76
CA LYS E 147 14.79 37.85 13.68
C LYS E 147 14.01 37.72 12.38
N PHE E 148 13.53 36.51 12.07
CA PHE E 148 12.70 36.31 10.89
C PHE E 148 11.45 37.19 10.95
N ARG E 149 10.81 37.26 12.11
CA ARG E 149 9.61 38.07 12.25
C ARG E 149 9.92 39.55 12.19
N ASP E 150 11.10 39.95 12.68
CA ASP E 150 11.52 41.34 12.54
C ASP E 150 11.69 41.73 11.08
N ILE E 151 12.29 40.84 10.27
CA ILE E 151 12.48 41.11 8.85
C ILE E 151 11.15 41.28 8.15
N ALA E 152 10.19 40.38 8.43
CA ALA E 152 8.91 40.40 7.73
C ALA E 152 8.11 41.64 8.06
N ARG E 153 8.20 42.13 9.29
CA ARG E 153 7.44 43.31 9.69
C ARG E 153 8.07 44.61 9.24
N LEU E 154 9.24 44.57 8.59
CA LEU E 154 9.88 45.79 8.11
C LEU E 154 9.26 46.19 6.78
N THR E 155 8.76 47.43 6.71
CA THR E 155 8.02 47.89 5.55
C THR E 155 8.31 49.36 5.31
N GLY E 156 8.12 49.78 4.07
CA GLY E 156 8.23 51.18 3.68
C GLY E 156 9.57 51.53 3.07
N SER E 157 9.80 52.84 2.98
CA SER E 157 11.03 53.35 2.40
C SER E 157 12.23 52.97 3.27
N ALA E 158 13.34 52.63 2.62
CA ALA E 158 14.59 52.24 3.26
C ALA E 158 14.44 51.00 4.13
N SER E 159 13.34 50.26 4.00
CA SER E 159 13.18 49.05 4.79
C SER E 159 14.05 47.91 4.28
N THR E 160 14.43 47.94 3.00
CA THR E 160 15.31 46.91 2.46
C THR E 160 16.66 46.92 3.16
N ALA E 161 17.23 48.12 3.38
CA ALA E 161 18.51 48.23 4.08
C ALA E 161 18.42 47.68 5.50
N LYS E 162 17.33 47.99 6.20
CA LYS E 162 17.13 47.42 7.53
C LYS E 162 17.03 45.89 7.46
N LYS E 163 16.36 45.37 6.43
CA LYS E 163 16.31 43.93 6.24
C LYS E 163 17.71 43.35 6.02
N ILE E 164 18.46 43.95 5.09
CA ILE E 164 19.82 43.49 4.79
C ILE E 164 20.66 43.49 6.06
N ASP E 165 20.47 44.48 6.92
CA ASP E 165 21.28 44.59 8.13
C ASP E 165 20.99 43.45 9.11
N ILE E 166 19.71 43.07 9.26
CA ILE E 166 19.38 41.97 10.14
C ILE E 166 19.92 40.65 9.58
N ILE E 167 19.79 40.45 8.27
CA ILE E 167 20.27 39.21 7.66
C ILE E 167 21.79 39.13 7.71
N LYS E 168 22.47 40.26 7.55
CA LYS E 168 23.92 40.29 7.74
C LYS E 168 24.31 39.83 9.14
N GLY E 169 23.61 40.33 10.17
CA GLY E 169 23.89 39.91 11.53
C GLY E 169 23.67 38.42 11.76
N LEU E 170 22.67 37.85 11.09
CA LEU E 170 22.47 36.40 11.19
C LEU E 170 23.61 35.64 10.53
N PHE E 171 24.03 36.08 9.33
CA PHE E 171 25.10 35.39 8.62
C PHE E 171 26.42 35.44 9.39
N VAL E 172 26.75 36.61 9.95
CA VAL E 172 27.98 36.74 10.72
C VAL E 172 27.96 35.81 11.93
N ALA E 173 26.79 35.63 12.54
CA ALA E 173 26.68 34.76 13.71
C ALA E 173 26.67 33.28 13.35
N CYS E 174 26.46 32.92 12.09
CA CYS E 174 26.29 31.53 11.71
C CYS E 174 27.56 30.72 11.96
N ARG E 175 27.36 29.46 12.33
CA ARG E 175 28.43 28.50 12.50
C ARG E 175 28.05 27.21 11.78
N HIS E 176 29.06 26.51 11.28
CA HIS E 176 28.88 25.18 10.64
C HIS E 176 27.87 25.33 9.51
N SER E 177 26.84 24.50 9.44
CA SER E 177 25.91 24.49 8.31
C SER E 177 24.76 25.48 8.47
N GLU E 178 24.83 26.40 9.43
CA GLU E 178 23.67 27.23 9.76
C GLU E 178 23.32 28.20 8.63
N ALA E 179 24.33 28.78 7.96
CA ALA E 179 24.06 29.83 6.99
C ALA E 179 23.26 29.31 5.81
N ARG E 180 23.53 28.07 5.40
CA ARG E 180 22.82 27.52 4.25
C ARG E 180 21.32 27.41 4.52
N PHE E 181 20.96 27.04 5.74
CA PHE E 181 19.54 26.87 6.07
C PHE E 181 18.88 28.19 6.39
N ILE E 182 19.64 29.16 6.90
CA ILE E 182 19.09 30.49 7.14
C ILE E 182 18.71 31.16 5.83
N ALA E 183 19.61 31.07 4.83
CA ALA E 183 19.34 31.68 3.53
C ALA E 183 18.19 30.98 2.82
N ARG E 184 18.13 29.64 2.92
CA ARG E 184 17.04 28.92 2.28
C ARG E 184 15.70 29.29 2.91
N SER E 185 15.66 29.39 4.24
CA SER E 185 14.43 29.80 4.92
C SER E 185 14.03 31.22 4.53
N LEU E 186 14.99 32.13 4.48
CA LEU E 186 14.68 33.52 4.14
C LEU E 186 14.16 33.64 2.72
N SER E 187 14.65 32.79 1.80
CA SER E 187 14.19 32.82 0.42
C SER E 187 12.73 32.39 0.29
N GLY E 188 12.17 31.74 1.30
CA GLY E 188 10.83 31.20 1.22
C GLY E 188 10.75 29.80 0.67
N ARG E 189 11.89 29.19 0.33
CA ARG E 189 11.94 27.83 -0.23
C ARG E 189 12.97 27.03 0.57
N LEU E 190 12.54 26.54 1.74
CA LEU E 190 13.43 25.73 2.58
C LEU E 190 13.81 24.42 1.92
N ARG E 191 12.88 23.82 1.16
CA ARG E 191 13.12 22.57 0.41
C ARG E 191 13.64 21.47 1.34
N LEU E 192 13.02 21.37 2.52
CA LEU E 192 13.42 20.34 3.47
C LEU E 192 12.93 18.96 3.05
N GLY E 193 11.82 18.89 2.32
CA GLY E 193 11.19 17.63 2.01
C GLY E 193 10.07 17.24 2.95
N LEU E 194 9.90 17.97 4.06
CA LEU E 194 8.75 17.79 4.95
C LEU E 194 8.00 19.11 5.07
N ALA E 195 6.67 19.03 5.04
CA ALA E 195 5.85 20.22 5.22
C ALA E 195 4.80 19.97 6.30
N GLU E 196 3.61 20.56 6.13
CA GLU E 196 2.60 20.49 7.17
C GLU E 196 2.28 19.05 7.57
N GLN E 197 2.16 18.16 6.59
CA GLN E 197 1.72 16.79 6.90
C GLN E 197 2.77 16.02 7.68
N SER E 198 4.04 16.12 7.26
CA SER E 198 5.10 15.37 7.92
C SER E 198 5.49 15.97 9.26
N VAL E 199 5.49 17.30 9.38
CA VAL E 199 5.82 17.93 10.65
C VAL E 199 4.80 17.53 11.72
N LEU E 200 3.52 17.56 11.37
CA LEU E 200 2.48 17.11 12.31
C LEU E 200 2.69 15.65 12.69
N ALA E 201 3.03 14.80 11.71
CA ALA E 201 3.36 13.41 12.02
C ALA E 201 4.54 13.32 12.96
N ALA E 202 5.55 14.18 12.77
CA ALA E 202 6.69 14.17 13.67
C ALA E 202 6.29 14.67 15.06
N LEU E 203 5.41 15.67 15.12
CA LEU E 203 4.97 16.19 16.41
C LEU E 203 4.17 15.15 17.18
N SER E 204 3.18 14.53 16.52
CA SER E 204 2.37 13.53 17.23
C SER E 204 3.22 12.34 17.65
N GLN E 205 4.18 11.94 16.82
CA GLN E 205 5.11 10.86 17.20
C GLN E 205 5.94 11.26 18.41
N ALA E 206 6.43 12.51 18.44
CA ALA E 206 7.32 12.92 19.52
C ALA E 206 6.58 12.98 20.85
N VAL E 207 5.39 13.59 20.88
CA VAL E 207 4.67 13.68 22.14
C VAL E 207 4.04 12.35 22.55
N SER E 208 3.91 11.40 21.61
CA SER E 208 3.48 10.05 21.97
C SER E 208 4.60 9.26 22.64
N LEU E 209 5.81 9.33 22.07
CA LEU E 209 6.94 8.60 22.66
C LEU E 209 7.40 9.25 23.95
N THR E 210 7.39 10.58 24.03
CA THR E 210 7.88 11.31 25.19
C THR E 210 6.81 12.32 25.60
N PRO E 211 5.92 11.94 26.51
CA PRO E 211 4.78 12.80 26.86
C PRO E 211 5.26 14.07 27.53
N PRO E 212 4.67 15.22 27.20
CA PRO E 212 5.07 16.47 27.84
C PRO E 212 4.53 16.55 29.27
N GLY E 213 5.02 17.55 30.00
CA GLY E 213 4.57 17.80 31.35
C GLY E 213 5.29 17.04 32.44
N GLN E 214 6.21 16.15 32.09
CA GLN E 214 6.90 15.35 33.09
C GLN E 214 7.87 16.21 33.89
N GLU E 215 8.27 15.68 35.05
CA GLU E 215 9.31 16.30 35.85
C GLU E 215 10.68 15.88 35.33
N PHE E 216 11.57 16.85 35.14
CA PHE E 216 12.89 16.53 34.60
C PHE E 216 13.74 15.81 35.65
N PRO E 217 14.44 14.73 35.27
CA PRO E 217 14.49 14.11 33.94
C PRO E 217 13.24 13.30 33.64
N PRO E 218 12.73 13.36 32.42
CA PRO E 218 11.50 12.62 32.11
C PRO E 218 11.64 11.13 32.30
N ALA E 219 10.91 10.57 33.27
CA ALA E 219 10.96 9.13 33.52
C ALA E 219 10.46 8.34 32.31
N MET E 220 9.59 8.93 31.50
CA MET E 220 9.01 8.26 30.35
C MET E 220 9.59 8.88 29.08
N VAL E 221 10.61 8.24 28.52
CA VAL E 221 11.22 8.72 27.28
C VAL E 221 10.79 7.90 26.06
N ASP E 222 10.28 6.68 26.25
CA ASP E 222 9.78 5.85 25.16
C ASP E 222 8.55 5.12 25.70
N ALA E 223 7.37 5.63 25.36
CA ALA E 223 6.12 4.96 25.72
C ALA E 223 5.82 3.77 24.82
N GLY E 224 6.53 3.61 23.70
CA GLY E 224 6.33 2.46 22.83
C GLY E 224 7.19 1.26 23.15
N LYS E 225 8.09 1.37 24.13
CA LYS E 225 8.88 0.22 24.54
C LYS E 225 7.99 -0.86 25.14
N GLY E 226 8.25 -2.10 24.77
CA GLY E 226 7.38 -3.19 25.19
C GLY E 226 6.13 -3.32 24.36
N LYS E 227 6.22 -3.11 23.04
CA LYS E 227 5.07 -3.16 22.16
C LYS E 227 5.46 -3.86 20.87
N THR E 228 4.52 -4.62 20.30
CA THR E 228 4.75 -5.27 19.03
C THR E 228 4.95 -4.23 17.93
N ALA E 229 5.72 -4.60 16.90
CA ALA E 229 6.01 -3.67 15.82
C ALA E 229 4.74 -3.27 15.08
N GLU E 230 3.84 -4.23 14.83
CA GLU E 230 2.58 -3.92 14.16
C GLU E 230 1.65 -3.14 15.09
N ALA E 231 1.67 -3.44 16.39
CA ALA E 231 0.86 -2.67 17.33
C ALA E 231 1.39 -1.26 17.53
N ARG E 232 2.71 -1.08 17.38
CA ARG E 232 3.29 0.25 17.53
C ARG E 232 3.00 1.11 16.31
N LYS E 233 3.02 0.53 15.11
CA LYS E 233 2.64 1.27 13.91
C LYS E 233 1.18 1.68 13.96
N THR E 234 0.30 0.80 14.47
CA THR E 234 -1.10 1.16 14.60
C THR E 234 -1.32 2.20 15.69
N TRP E 235 -0.48 2.20 16.72
CA TRP E 235 -0.65 3.14 17.82
C TRP E 235 -0.26 4.55 17.40
N LEU E 236 0.93 4.71 16.81
CA LEU E 236 1.37 6.03 16.35
C LEU E 236 0.48 6.56 15.24
N GLU E 237 -0.03 5.67 14.38
CA GLU E 237 -0.92 6.09 13.31
C GLU E 237 -2.22 6.65 13.86
N GLU E 238 -2.75 6.04 14.92
CA GLU E 238 -3.96 6.56 15.54
C GLU E 238 -3.71 7.90 16.22
N GLN E 239 -2.60 8.01 16.95
CA GLN E 239 -2.26 9.27 17.61
C GLN E 239 -1.99 10.36 16.58
N GLY E 240 -1.36 10.00 15.46
CA GLY E 240 -1.20 10.96 14.38
C GLY E 240 -2.54 11.45 13.86
N MET E 241 -3.51 10.55 13.74
CA MET E 241 -4.83 10.94 13.25
C MET E 241 -5.52 11.89 14.22
N ILE E 242 -5.34 11.68 15.53
CA ILE E 242 -5.93 12.57 16.51
C ILE E 242 -5.40 13.99 16.32
N LEU E 243 -4.08 14.13 16.17
CA LEU E 243 -3.48 15.45 16.01
C LEU E 243 -3.87 16.08 14.68
N LYS E 244 -3.84 15.31 13.60
CA LYS E 244 -4.16 15.86 12.29
C LYS E 244 -5.60 16.35 12.23
N GLN E 245 -6.54 15.56 12.76
CA GLN E 245 -7.94 15.95 12.70
C GLN E 245 -8.20 17.22 13.51
N THR E 246 -7.57 17.34 14.68
CA THR E 246 -7.79 18.53 15.51
C THR E 246 -7.17 19.76 14.87
N PHE E 247 -5.99 19.63 14.25
CA PHE E 247 -5.36 20.76 13.58
C PHE E 247 -6.16 21.20 12.37
N CYS E 248 -6.88 20.28 11.73
CA CYS E 248 -7.73 20.64 10.60
C CYS E 248 -8.81 21.62 11.02
N GLU E 249 -9.37 21.43 12.22
CA GLU E 249 -10.47 22.26 12.68
C GLU E 249 -9.99 23.50 13.43
N VAL E 250 -8.79 23.47 14.00
CA VAL E 250 -8.17 24.63 14.64
C VAL E 250 -6.76 24.78 14.09
N PRO E 251 -6.58 25.25 12.86
CA PRO E 251 -5.24 25.35 12.24
C PRO E 251 -4.44 26.53 12.78
N ASP E 252 -4.06 26.43 14.05
CA ASP E 252 -3.33 27.51 14.72
C ASP E 252 -2.42 26.87 15.75
N LEU E 253 -1.12 26.85 15.45
CA LEU E 253 -0.16 26.27 16.39
C LEU E 253 -0.02 27.13 17.63
N ASP E 254 -0.25 28.44 17.52
CA ASP E 254 -0.23 29.30 18.71
C ASP E 254 -1.30 28.88 19.70
N ARG E 255 -2.38 28.27 19.22
CA ARG E 255 -3.44 27.76 20.10
C ARG E 255 -3.22 26.29 20.46
N ILE E 256 -2.79 25.47 19.50
CA ILE E 256 -2.70 24.04 19.72
C ILE E 256 -1.56 23.72 20.69
N ILE E 257 -0.35 24.21 20.38
CA ILE E 257 0.83 23.78 21.13
C ILE E 257 0.70 24.02 22.63
N PRO E 258 0.29 25.21 23.11
CA PRO E 258 0.16 25.36 24.57
C PRO E 258 -0.84 24.39 25.19
N VAL E 259 -2.00 24.22 24.57
CA VAL E 259 -2.96 23.23 25.04
C VAL E 259 -2.35 21.83 25.00
N LEU E 260 -1.63 21.53 23.91
CA LEU E 260 -0.99 20.21 23.79
C LEU E 260 0.02 19.99 24.91
N LEU E 261 0.72 21.05 25.33
CA LEU E 261 1.76 20.91 26.35
C LEU E 261 1.18 20.75 27.75
N GLU E 262 -0.01 21.29 28.02
CA GLU E 262 -0.57 21.24 29.36
C GLU E 262 -1.51 20.08 29.59
N HIS E 263 -2.04 19.46 28.52
CA HIS E 263 -3.03 18.40 28.67
C HIS E 263 -2.70 17.13 27.90
N GLY E 264 -1.67 17.14 27.04
CA GLY E 264 -1.33 15.96 26.26
C GLY E 264 -2.19 15.82 25.02
N LEU E 265 -1.85 14.81 24.22
CA LEU E 265 -2.52 14.62 22.93
C LEU E 265 -3.91 14.01 23.09
N GLU E 266 -4.05 13.00 23.95
CA GLU E 266 -5.30 12.26 24.06
C GLU E 266 -6.46 13.12 24.57
N ARG E 267 -6.17 14.25 25.22
CA ARG E 267 -7.20 15.15 25.71
C ARG E 267 -7.27 16.45 24.92
N LEU E 268 -6.49 16.56 23.84
CA LEU E 268 -6.51 17.77 23.03
C LEU E 268 -7.84 18.04 22.35
N PRO E 269 -8.56 17.05 21.80
CA PRO E 269 -9.88 17.39 21.21
C PRO E 269 -10.85 17.98 22.20
N GLU E 270 -10.73 17.64 23.48
CA GLU E 270 -11.63 18.13 24.50
C GLU E 270 -11.33 19.56 24.93
N HIS E 271 -10.35 20.22 24.33
CA HIS E 271 -10.02 21.61 24.66
C HIS E 271 -9.89 22.51 23.45
N CYS E 272 -10.06 22.00 22.23
CA CYS E 272 -9.96 22.80 21.02
C CYS E 272 -11.05 22.36 20.05
N LYS E 273 -11.97 23.26 19.74
CA LYS E 273 -13.09 22.94 18.86
C LYS E 273 -13.21 24.00 17.76
N LEU E 274 -13.78 23.57 16.64
CA LEU E 274 -13.98 24.45 15.49
C LEU E 274 -14.86 25.63 15.88
N SER E 275 -14.46 26.81 15.44
CA SER E 275 -15.16 28.05 15.73
C SER E 275 -14.92 29.03 14.60
N PRO E 276 -15.87 29.94 14.33
CA PRO E 276 -15.63 30.98 13.33
C PRO E 276 -14.55 31.94 13.79
N GLY E 277 -13.81 32.46 12.82
CA GLY E 277 -12.74 33.40 13.07
C GLY E 277 -11.37 32.81 12.82
N ILE E 278 -11.26 31.50 12.72
CA ILE E 278 -10.02 30.81 12.40
C ILE E 278 -10.18 30.19 11.02
N PRO E 279 -9.38 30.59 10.02
CA PRO E 279 -9.59 30.10 8.66
C PRO E 279 -9.26 28.61 8.54
N LEU E 280 -10.11 27.91 7.81
CA LEU E 280 -9.95 26.49 7.53
C LEU E 280 -9.57 26.29 6.07
N LYS E 281 -8.72 25.29 5.82
CA LYS E 281 -8.36 24.97 4.45
C LYS E 281 -9.55 24.29 3.78
N PRO E 282 -10.04 24.79 2.66
CA PRO E 282 -11.30 24.29 2.11
C PRO E 282 -11.17 22.89 1.54
N MET E 283 -12.33 22.23 1.42
CA MET E 283 -12.41 20.94 0.77
CA MET E 283 -12.41 20.94 0.77
C MET E 283 -12.22 21.10 -0.73
N LEU E 284 -11.41 20.25 -1.33
CA LEU E 284 -11.13 20.31 -2.76
C LEU E 284 -11.57 19.02 -3.45
N ALA E 285 -11.53 19.04 -4.78
CA ALA E 285 -12.05 17.94 -5.60
C ALA E 285 -10.96 17.42 -6.53
N HIS E 286 -11.15 16.18 -6.98
CA HIS E 286 -10.24 15.54 -7.93
C HIS E 286 -10.82 15.57 -9.34
N PRO E 287 -9.99 15.80 -10.35
CA PRO E 287 -10.47 15.72 -11.73
C PRO E 287 -10.86 14.29 -12.10
N THR E 288 -11.67 14.18 -13.13
CA THR E 288 -12.05 12.89 -13.71
C THR E 288 -11.80 12.94 -15.21
N ARG E 289 -12.06 11.81 -15.87
CA ARG E 289 -11.94 11.73 -17.32
C ARG E 289 -13.28 11.93 -18.02
N GLY E 290 -14.39 11.71 -17.33
CA GLY E 290 -15.71 11.85 -17.92
C GLY E 290 -16.75 11.28 -16.98
N ILE E 291 -17.99 11.26 -17.47
CA ILE E 291 -19.10 10.77 -16.64
C ILE E 291 -18.89 9.31 -16.25
N SER E 292 -18.24 8.53 -17.12
CA SER E 292 -18.05 7.11 -16.84
C SER E 292 -17.28 6.90 -15.55
N GLU E 293 -16.19 7.66 -15.35
CA GLU E 293 -15.44 7.54 -14.11
C GLU E 293 -16.23 8.05 -12.92
N VAL E 294 -17.11 9.03 -13.14
CA VAL E 294 -17.94 9.55 -12.05
C VAL E 294 -18.85 8.46 -11.51
N LEU E 295 -19.59 7.80 -12.39
CA LEU E 295 -20.47 6.73 -11.94
C LEU E 295 -19.69 5.53 -11.42
N LYS E 296 -18.52 5.25 -12.02
CA LYS E 296 -17.69 4.16 -11.53
C LYS E 296 -17.28 4.41 -10.08
N ARG E 297 -16.93 5.65 -9.75
CA ARG E 297 -16.53 5.95 -8.39
C ARG E 297 -17.73 6.10 -7.46
N PHE E 298 -18.77 6.79 -7.93
CA PHE E 298 -19.95 7.05 -7.10
C PHE E 298 -20.95 5.90 -7.13
N GLU E 299 -20.71 4.89 -7.96
CA GLU E 299 -21.50 3.66 -7.97
C GLU E 299 -22.99 3.94 -8.00
N GLU E 300 -23.71 3.54 -6.96
CA GLU E 300 -25.14 3.79 -6.88
C GLU E 300 -25.49 4.90 -5.89
N ALA E 301 -24.50 5.55 -5.28
CA ALA E 301 -24.75 6.61 -4.33
C ALA E 301 -25.32 7.84 -5.03
N ALA E 302 -26.37 8.41 -4.46
CA ALA E 302 -26.98 9.59 -5.05
C ALA E 302 -26.00 10.77 -4.98
N PHE E 303 -25.98 11.58 -6.04
CA PHE E 303 -25.10 12.72 -6.11
C PHE E 303 -25.80 13.89 -6.77
N THR E 304 -25.24 15.08 -6.58
CA THR E 304 -25.73 16.30 -7.22
C THR E 304 -24.64 16.91 -8.10
N CYS E 305 -25.06 17.61 -9.14
CA CYS E 305 -24.17 18.34 -10.03
C CYS E 305 -24.36 19.83 -9.81
N GLU E 306 -23.25 20.56 -9.63
CA GLU E 306 -23.30 22.00 -9.43
C GLU E 306 -22.45 22.70 -10.49
N TYR E 307 -22.82 23.93 -10.80
CA TYR E 307 -21.99 24.77 -11.67
C TYR E 307 -20.61 24.92 -11.06
N LYS E 308 -19.58 24.80 -11.90
CA LYS E 308 -18.19 24.93 -11.48
C LYS E 308 -17.76 26.36 -11.77
N TYR E 309 -17.85 27.22 -10.75
CA TYR E 309 -17.68 28.65 -10.95
C TYR E 309 -16.22 29.04 -11.09
N ASP E 310 -15.99 30.12 -11.82
CA ASP E 310 -14.64 30.61 -12.11
C ASP E 310 -14.43 31.90 -11.33
N GLY E 311 -14.01 31.76 -10.08
CA GLY E 311 -13.78 32.89 -9.21
C GLY E 311 -12.83 32.52 -8.09
N GLN E 312 -13.00 33.19 -6.95
CA GLN E 312 -12.17 32.96 -5.77
C GLN E 312 -12.97 32.24 -4.71
N ARG E 313 -12.39 31.19 -4.13
CA ARG E 313 -13.01 30.51 -3.01
C ARG E 313 -12.97 31.40 -1.77
N ALA E 314 -14.15 31.75 -1.25
CA ALA E 314 -14.29 32.69 -0.15
C ALA E 314 -15.02 32.01 1.00
N GLN E 315 -14.36 31.92 2.13
CA GLN E 315 -14.93 31.39 3.37
C GLN E 315 -15.42 32.55 4.22
N ILE E 316 -16.73 32.64 4.41
CA ILE E 316 -17.37 33.74 5.14
C ILE E 316 -17.63 33.27 6.57
N HIS E 317 -16.89 33.82 7.51
CA HIS E 317 -17.06 33.52 8.93
C HIS E 317 -17.82 34.66 9.61
N ALA E 318 -18.91 34.31 10.29
CA ALA E 318 -19.63 35.26 11.13
C ALA E 318 -19.64 34.74 12.56
N LEU E 319 -19.04 35.50 13.46
CA LEU E 319 -18.92 35.13 14.86
C LEU E 319 -20.11 35.62 15.66
N GLU E 320 -20.39 34.95 16.77
CA GLU E 320 -21.40 35.45 17.70
C GLU E 320 -20.94 36.78 18.27
N GLY E 321 -21.70 37.83 18.00
CA GLY E 321 -21.28 39.19 18.33
C GLY E 321 -21.19 40.11 17.14
N GLY E 322 -21.29 39.61 15.91
CA GLY E 322 -21.36 40.45 14.72
C GLY E 322 -20.09 40.50 13.89
N GLU E 323 -18.94 40.21 14.48
CA GLU E 323 -17.70 40.27 13.74
C GLU E 323 -17.74 39.32 12.55
N VAL E 324 -17.38 39.81 11.37
CA VAL E 324 -17.37 39.02 10.14
C VAL E 324 -15.96 39.04 9.56
N LYS E 325 -15.47 37.87 9.14
CA LYS E 325 -14.20 37.76 8.43
C LYS E 325 -14.40 36.99 7.13
N ILE E 326 -13.53 37.25 6.16
CA ILE E 326 -13.51 36.55 4.88
C ILE E 326 -12.11 36.00 4.67
N PHE E 327 -12.01 34.70 4.36
CA PHE E 327 -10.72 34.02 4.26
C PHE E 327 -10.57 33.36 2.90
N SER E 328 -9.34 33.35 2.40
CA SER E 328 -9.03 32.72 1.12
C SER E 328 -8.74 31.24 1.31
N ARG E 329 -8.58 30.53 0.19
CA ARG E 329 -8.29 29.11 0.24
C ARG E 329 -6.95 28.81 0.91
N ASN E 330 -6.07 29.80 1.06
CA ASN E 330 -4.80 29.62 1.74
C ASN E 330 -4.80 30.29 3.11
N GLN E 331 -5.98 30.44 3.70
CA GLN E 331 -6.15 30.96 5.06
C GLN E 331 -5.63 32.38 5.20
N ALA E 332 -5.72 33.17 4.13
CA ALA E 332 -5.41 34.59 4.19
C ALA E 332 -6.67 35.37 4.45
N ASP E 333 -6.52 36.49 5.15
CA ASP E 333 -7.65 37.33 5.54
C ASP E 333 -7.89 38.38 4.44
N ASN E 334 -8.92 38.18 3.62
CA ASN E 334 -9.28 39.14 2.58
C ASN E 334 -10.50 39.98 2.95
N THR E 335 -10.75 40.19 4.25
CA THR E 335 -11.91 40.98 4.66
C THR E 335 -11.84 42.39 4.09
N GLY E 336 -10.69 43.06 4.24
CA GLY E 336 -10.54 44.41 3.72
C GLY E 336 -10.64 44.49 2.22
N LYS E 337 -10.48 43.37 1.53
CA LYS E 337 -10.58 43.34 0.07
C LYS E 337 -12.03 43.35 -0.38
N TYR E 338 -12.96 42.85 0.44
CA TYR E 338 -14.37 42.71 0.06
C TYR E 338 -15.28 43.51 0.99
N PRO E 339 -15.17 44.84 0.97
CA PRO E 339 -16.06 45.65 1.83
C PRO E 339 -17.50 45.64 1.36
N ASP E 340 -17.75 45.34 0.08
CA ASP E 340 -19.13 45.26 -0.41
C ASP E 340 -19.85 44.04 0.14
N ILE E 341 -19.13 42.93 0.33
CA ILE E 341 -19.73 41.72 0.89
C ILE E 341 -20.08 41.94 2.35
N ILE E 342 -19.18 42.56 3.11
CA ILE E 342 -19.41 42.80 4.54
C ILE E 342 -20.69 43.60 4.74
N SER E 343 -20.91 44.62 3.91
CA SER E 343 -22.07 45.48 4.07
C SER E 343 -23.38 44.76 3.80
N ARG E 344 -23.37 43.67 3.04
CA ARG E 344 -24.60 42.97 2.69
C ARG E 344 -24.86 41.74 3.54
N ILE E 345 -24.00 41.46 4.53
CA ILE E 345 -24.19 40.29 5.39
C ILE E 345 -25.58 40.26 6.05
N PRO E 346 -26.08 41.36 6.62
CA PRO E 346 -27.40 41.28 7.30
C PRO E 346 -28.56 40.90 6.39
N LYS E 347 -28.41 40.91 5.07
CA LYS E 347 -29.50 40.58 4.16
C LYS E 347 -29.39 39.18 3.56
N ILE E 348 -28.31 38.45 3.84
CA ILE E 348 -28.17 37.09 3.32
C ILE E 348 -28.62 36.01 4.31
N LYS E 349 -28.96 36.38 5.54
CA LYS E 349 -29.28 35.40 6.57
C LYS E 349 -30.60 35.75 7.25
N LEU E 350 -31.25 34.72 7.76
CA LEU E 350 -32.44 34.92 8.59
C LEU E 350 -32.04 35.55 9.92
N PRO E 351 -32.91 36.38 10.49
CA PRO E 351 -32.57 37.03 11.78
C PRO E 351 -32.29 36.03 12.90
N SER E 352 -32.64 34.76 12.73
CA SER E 352 -32.32 33.74 13.73
C SER E 352 -30.90 33.20 13.59
N VAL E 353 -30.16 33.58 12.55
CA VAL E 353 -28.80 33.11 12.35
C VAL E 353 -27.86 33.98 13.17
N THR E 354 -27.22 33.39 14.18
CA THR E 354 -26.32 34.13 15.05
C THR E 354 -24.84 33.94 14.73
N SER E 355 -24.49 32.87 14.02
CA SER E 355 -23.09 32.62 13.65
C SER E 355 -23.06 31.55 12.57
N PHE E 356 -22.04 31.58 11.74
CA PHE E 356 -21.93 30.61 10.65
C PHE E 356 -20.53 30.61 10.06
N ILE E 357 -20.27 29.60 9.25
CA ILE E 357 -19.14 29.58 8.32
C ILE E 357 -19.69 29.12 6.98
N LEU E 358 -19.72 30.03 6.01
CA LEU E 358 -20.20 29.75 4.67
C LEU E 358 -19.04 29.40 3.75
N ASP E 359 -19.27 28.45 2.86
CA ASP E 359 -18.34 28.10 1.79
C ASP E 359 -18.90 28.63 0.47
N THR E 360 -18.19 29.57 -0.14
CA THR E 360 -18.71 30.27 -1.31
C THR E 360 -17.64 30.37 -2.38
N GLU E 361 -18.09 30.79 -3.55
CA GLU E 361 -17.22 31.19 -4.65
C GLU E 361 -17.60 32.62 -5.03
N ALA E 362 -16.63 33.54 -4.94
CA ALA E 362 -16.86 34.94 -5.30
C ALA E 362 -16.58 35.11 -6.78
N VAL E 363 -17.59 35.59 -7.52
CA VAL E 363 -17.56 35.62 -8.98
C VAL E 363 -17.83 37.05 -9.44
N ALA E 364 -17.05 37.50 -10.43
CA ALA E 364 -17.27 38.83 -11.00
C ALA E 364 -18.61 38.88 -11.73
N TRP E 365 -19.40 39.91 -11.44
CA TRP E 365 -20.77 40.00 -11.91
C TRP E 365 -21.01 41.35 -12.55
N ASP E 366 -21.47 41.35 -13.81
CA ASP E 366 -21.86 42.57 -14.49
C ASP E 366 -23.30 42.91 -14.13
N ARG E 367 -23.50 44.09 -13.54
CA ARG E 367 -24.83 44.48 -13.09
C ARG E 367 -25.72 44.96 -14.23
N GLU E 368 -25.13 45.43 -15.33
CA GLU E 368 -25.94 45.92 -16.45
C GLU E 368 -26.48 44.77 -17.30
N LYS E 369 -25.65 43.77 -17.58
CA LYS E 369 -26.09 42.63 -18.37
C LYS E 369 -26.63 41.48 -17.53
N LYS E 370 -26.48 41.54 -16.21
CA LYS E 370 -26.86 40.46 -15.30
C LYS E 370 -26.19 39.15 -15.73
N GLN E 371 -24.87 39.18 -15.80
CA GLN E 371 -24.10 38.09 -16.37
C GLN E 371 -22.80 37.92 -15.61
N ILE E 372 -22.28 36.70 -15.64
CA ILE E 372 -21.01 36.36 -15.00
C ILE E 372 -19.87 36.81 -15.91
N GLN E 373 -18.86 37.50 -15.33
CA GLN E 373 -17.65 37.95 -15.99
C GLN E 373 -16.51 36.98 -15.75
N PRO E 374 -15.54 36.90 -16.66
CA PRO E 374 -14.45 35.92 -16.51
C PRO E 374 -13.57 36.22 -15.31
N PHE E 375 -12.76 35.21 -14.97
CA PHE E 375 -11.85 35.32 -13.83
C PHE E 375 -10.83 36.44 -14.03
N GLN E 376 -10.48 36.74 -15.29
CA GLN E 376 -9.50 37.80 -15.54
C GLN E 376 -9.99 39.14 -15.05
N VAL E 377 -11.30 39.41 -15.19
CA VAL E 377 -11.85 40.66 -14.69
C VAL E 377 -11.81 40.67 -13.16
N LEU E 378 -11.85 39.50 -12.53
CA LEU E 378 -11.79 39.44 -11.07
C LEU E 378 -10.41 39.84 -10.55
N THR E 379 -9.35 39.39 -11.22
CA THR E 379 -7.98 39.68 -10.77
C THR E 379 -7.66 41.18 -10.80
N THR E 380 -8.40 41.97 -11.58
CA THR E 380 -8.15 43.42 -11.63
C THR E 380 -8.65 44.13 -10.38
N ARG E 381 -9.36 43.44 -9.49
CA ARG E 381 -9.81 44.07 -8.25
C ARG E 381 -8.62 44.42 -7.37
N LYS E 382 -8.68 45.59 -6.75
CA LYS E 382 -7.63 46.00 -5.83
C LYS E 382 -7.59 45.03 -4.65
N ARG E 383 -6.37 44.60 -4.29
CA ARG E 383 -6.21 43.59 -3.26
C ARG E 383 -6.04 44.17 -1.86
N LYS E 384 -5.64 45.43 -1.75
CA LYS E 384 -5.36 46.04 -0.44
C LYS E 384 -6.63 46.49 0.26
N GLU E 385 -6.54 47.58 1.03
CA GLU E 385 -7.68 48.14 1.73
C GLU E 385 -8.54 48.90 0.72
N VAL E 386 -9.62 48.27 0.27
CA VAL E 386 -10.49 48.84 -0.76
C VAL E 386 -11.56 49.69 -0.10
N ASP E 387 -11.93 50.77 -0.77
CA ASP E 387 -13.08 51.58 -0.36
C ASP E 387 -14.35 51.02 -1.00
N ALA E 388 -15.45 51.07 -0.25
CA ALA E 388 -16.69 50.45 -0.71
C ALA E 388 -17.17 51.05 -2.02
N SER E 389 -16.98 52.35 -2.21
CA SER E 389 -17.48 53.05 -3.39
C SER E 389 -16.46 53.20 -4.50
N GLU E 390 -15.20 52.82 -4.26
CA GLU E 390 -14.16 52.84 -5.28
C GLU E 390 -13.94 51.46 -5.90
N ILE E 391 -14.98 50.62 -5.89
CA ILE E 391 -14.92 49.27 -6.44
C ILE E 391 -15.41 49.29 -7.88
N GLN E 392 -14.66 48.65 -8.77
CA GLN E 392 -15.01 48.59 -10.19
C GLN E 392 -15.67 47.26 -10.56
N VAL E 393 -15.15 46.15 -10.08
CA VAL E 393 -15.65 44.82 -10.42
C VAL E 393 -16.57 44.35 -9.31
N GLN E 394 -17.87 44.31 -9.60
CA GLN E 394 -18.85 43.81 -8.64
C GLN E 394 -18.79 42.29 -8.56
N VAL E 395 -18.84 41.76 -7.35
CA VAL E 395 -18.78 40.33 -7.11
C VAL E 395 -20.16 39.84 -6.70
N CYS E 396 -20.53 38.65 -7.19
CA CYS E 396 -21.68 37.92 -6.70
C CYS E 396 -21.18 36.66 -6.00
N LEU E 397 -21.80 36.34 -4.86
CA LEU E 397 -21.42 35.18 -4.08
C LEU E 397 -22.29 33.99 -4.46
N TYR E 398 -21.65 32.86 -4.75
CA TYR E 398 -22.36 31.63 -5.09
C TYR E 398 -22.08 30.64 -3.97
N ALA E 399 -23.07 30.44 -3.10
CA ALA E 399 -22.88 29.62 -1.92
C ALA E 399 -23.24 28.18 -2.22
N PHE E 400 -22.44 27.25 -1.69
CA PHE E 400 -22.70 25.84 -1.90
C PHE E 400 -22.43 24.97 -0.68
N ASP E 401 -21.95 25.52 0.43
CA ASP E 401 -21.78 24.70 1.61
C ASP E 401 -21.87 25.55 2.86
N LEU E 402 -22.06 24.88 4.00
CA LEU E 402 -22.22 25.53 5.29
C LEU E 402 -21.53 24.65 6.33
N ILE E 403 -20.38 25.12 6.83
CA ILE E 403 -19.56 24.33 7.73
C ILE E 403 -20.00 24.45 9.19
N TYR E 404 -20.64 25.56 9.54
CA TYR E 404 -20.91 25.91 10.93
C TYR E 404 -22.16 26.76 10.96
N LEU E 405 -23.05 26.47 11.91
CA LEU E 405 -24.29 27.24 12.02
C LEU E 405 -24.71 27.32 13.48
N ASN E 406 -24.89 28.55 13.96
CA ASN E 406 -25.49 28.82 15.27
C ASN E 406 -24.80 28.02 16.37
N GLY E 407 -23.47 28.10 16.39
CA GLY E 407 -22.69 27.47 17.44
C GLY E 407 -22.35 26.02 17.22
N GLU E 408 -22.87 25.38 16.17
CA GLU E 408 -22.66 23.95 15.96
C GLU E 408 -21.91 23.71 14.66
N SER E 409 -20.90 22.86 14.73
CA SER E 409 -20.16 22.42 13.54
C SER E 409 -20.98 21.38 12.78
N LEU E 410 -20.96 21.48 11.45
CA LEU E 410 -21.77 20.62 10.60
C LEU E 410 -20.93 19.71 9.73
N VAL E 411 -19.61 19.68 9.89
CA VAL E 411 -18.76 18.99 8.94
C VAL E 411 -18.98 17.48 8.95
N ARG E 412 -19.52 16.93 10.04
CA ARG E 412 -19.82 15.51 10.10
C ARG E 412 -21.16 15.16 9.46
N GLU E 413 -22.02 16.14 9.24
CA GLU E 413 -23.30 15.89 8.61
C GLU E 413 -23.12 15.63 7.11
N PRO E 414 -24.03 14.87 6.50
CA PRO E 414 -23.97 14.67 5.06
C PRO E 414 -24.29 15.96 4.31
N LEU E 415 -23.86 16.01 3.05
CA LEU E 415 -24.11 17.19 2.22
C LEU E 415 -25.60 17.46 2.07
N SER E 416 -26.42 16.40 2.03
CA SER E 416 -27.87 16.59 1.90
C SER E 416 -28.41 17.42 3.07
N ARG E 417 -27.85 17.24 4.26
CA ARG E 417 -28.28 18.03 5.41
C ARG E 417 -27.67 19.42 5.39
N ARG E 418 -26.37 19.53 5.09
CA ARG E 418 -25.71 20.83 5.08
C ARG E 418 -26.33 21.74 4.03
N ARG E 419 -26.62 21.20 2.84
CA ARG E 419 -27.24 22.00 1.79
C ARG E 419 -28.65 22.43 2.19
N GLN E 420 -29.37 21.59 2.92
CA GLN E 420 -30.74 21.93 3.36
C GLN E 420 -30.71 23.06 4.38
N LEU E 421 -29.83 22.98 5.37
CA LEU E 421 -29.71 24.05 6.35
C LEU E 421 -29.23 25.34 5.70
N LEU E 422 -28.40 25.25 4.67
CA LEU E 422 -27.96 26.44 3.95
C LEU E 422 -29.13 27.10 3.23
N ARG E 423 -29.97 26.31 2.57
CA ARG E 423 -31.09 26.87 1.85
C ARG E 423 -32.22 27.29 2.78
N GLU E 424 -32.35 26.65 3.95
CA GLU E 424 -33.41 27.04 4.87
C GLU E 424 -33.08 28.30 5.64
N ASN E 425 -31.79 28.60 5.84
CA ASN E 425 -31.40 29.68 6.73
C ASN E 425 -30.78 30.89 6.04
N PHE E 426 -30.53 30.81 4.74
CA PHE E 426 -29.89 31.90 4.02
C PHE E 426 -30.76 32.34 2.85
N VAL E 427 -30.67 33.63 2.55
CA VAL E 427 -31.61 34.31 1.66
C VAL E 427 -30.90 34.73 0.39
N GLU E 428 -31.57 34.57 -0.75
CA GLU E 428 -31.00 34.81 -2.06
C GLU E 428 -31.33 36.20 -2.56
N THR E 429 -30.34 36.87 -3.15
CA THR E 429 -30.53 38.12 -3.87
C THR E 429 -29.76 38.03 -5.17
N GLU E 430 -30.45 38.18 -6.30
CA GLU E 430 -29.81 38.01 -7.61
C GLU E 430 -28.66 38.99 -7.78
N GLY E 431 -27.52 38.48 -8.25
CA GLY E 431 -26.34 39.29 -8.47
C GLY E 431 -25.56 39.65 -7.23
N GLU E 432 -25.98 39.18 -6.05
CA GLU E 432 -25.28 39.50 -4.81
C GLU E 432 -24.95 38.22 -4.03
N PHE E 433 -25.96 37.41 -3.75
CA PHE E 433 -25.77 36.18 -3.00
C PHE E 433 -26.85 35.20 -3.44
N VAL E 434 -26.47 34.18 -4.22
CA VAL E 434 -27.39 33.14 -4.64
C VAL E 434 -26.75 31.79 -4.40
N PHE E 435 -27.57 30.75 -4.40
CA PHE E 435 -27.07 29.39 -4.27
C PHE E 435 -26.53 28.90 -5.59
N ALA E 436 -25.58 27.96 -5.52
CA ALA E 436 -25.02 27.37 -6.72
C ALA E 436 -26.10 26.65 -7.51
N THR E 437 -26.15 26.91 -8.82
CA THR E 437 -27.07 26.17 -9.69
C THR E 437 -26.76 24.68 -9.61
N SER E 438 -27.80 23.87 -9.36
CA SER E 438 -27.57 22.45 -9.12
C SER E 438 -28.66 21.61 -9.77
N LEU E 439 -28.32 20.35 -10.04
CA LEU E 439 -29.26 19.38 -10.57
C LEU E 439 -28.99 18.03 -9.91
N ASP E 440 -30.00 17.46 -9.26
CA ASP E 440 -29.89 16.13 -8.67
C ASP E 440 -30.37 15.12 -9.72
N THR E 441 -29.44 14.32 -10.24
CA THR E 441 -29.79 13.38 -11.29
C THR E 441 -28.75 12.28 -11.37
N LYS E 442 -29.15 11.17 -11.99
CA LYS E 442 -28.22 10.13 -12.40
C LYS E 442 -28.42 9.77 -13.87
N ASP E 443 -29.21 10.55 -14.59
CA ASP E 443 -29.43 10.36 -16.02
C ASP E 443 -28.23 10.91 -16.78
N ILE E 444 -27.55 10.03 -17.53
CA ILE E 444 -26.32 10.41 -18.19
C ILE E 444 -26.55 11.51 -19.21
N GLU E 445 -27.66 11.42 -19.95
CA GLU E 445 -27.96 12.46 -20.94
C GLU E 445 -28.30 13.79 -20.28
N GLN E 446 -28.96 13.75 -19.11
CA GLN E 446 -29.23 14.98 -18.38
C GLN E 446 -27.94 15.63 -17.91
N ILE E 447 -26.97 14.83 -17.47
CA ILE E 447 -25.72 15.39 -16.98
C ILE E 447 -24.95 16.08 -18.10
N ALA E 448 -24.89 15.44 -19.27
CA ALA E 448 -24.17 16.04 -20.39
C ALA E 448 -24.83 17.35 -20.82
N GLU E 449 -26.16 17.41 -20.78
CA GLU E 449 -26.87 18.63 -21.14
C GLU E 449 -26.66 19.70 -20.07
N PHE E 450 -26.70 19.32 -18.79
CA PHE E 450 -26.42 20.27 -17.72
C PHE E 450 -24.99 20.80 -17.81
N LEU E 451 -24.05 19.97 -18.26
CA LEU E 451 -22.68 20.42 -18.46
C LEU E 451 -22.59 21.45 -19.58
N GLU E 452 -23.32 21.24 -20.68
CA GLU E 452 -23.36 22.21 -21.75
C GLU E 452 -23.96 23.53 -21.26
N GLN E 453 -25.04 23.46 -20.50
CA GLN E 453 -25.67 24.68 -19.97
C GLN E 453 -24.72 25.42 -19.04
N SER E 454 -23.93 24.68 -18.26
CA SER E 454 -22.96 25.30 -17.37
C SER E 454 -21.97 26.15 -18.16
N VAL E 455 -21.44 25.59 -19.25
CA VAL E 455 -20.48 26.33 -20.07
C VAL E 455 -21.13 27.55 -20.70
N LYS E 456 -22.36 27.39 -21.22
CA LYS E 456 -23.06 28.52 -21.81
C LYS E 456 -23.32 29.63 -20.80
N ASP E 457 -23.27 29.32 -19.50
CA ASP E 457 -23.49 30.30 -18.45
C ASP E 457 -22.18 30.80 -17.85
N SER E 458 -21.08 30.70 -18.60
CA SER E 458 -19.77 31.27 -18.23
C SER E 458 -19.15 30.54 -17.05
N CYS E 459 -19.22 29.21 -17.05
CA CYS E 459 -18.60 28.39 -16.02
C CYS E 459 -17.67 27.38 -16.66
N GLU E 460 -16.90 26.69 -15.83
CA GLU E 460 -15.85 25.79 -16.30
C GLU E 460 -16.31 24.35 -16.44
N GLY E 461 -17.55 24.03 -16.06
CA GLY E 461 -18.01 22.66 -16.08
C GLY E 461 -18.89 22.32 -14.89
N LEU E 462 -18.68 21.15 -14.30
CA LEU E 462 -19.54 20.67 -13.23
C LEU E 462 -18.71 20.18 -12.06
N MET E 463 -19.20 20.46 -10.85
CA MET E 463 -18.77 19.78 -9.63
C MET E 463 -19.82 18.75 -9.25
N VAL E 464 -19.36 17.52 -9.02
CA VAL E 464 -20.23 16.39 -8.74
C VAL E 464 -19.91 15.91 -7.33
N LYS E 465 -20.91 15.94 -6.44
CA LYS E 465 -20.71 15.63 -5.03
C LYS E 465 -21.76 14.64 -4.57
N THR E 466 -21.33 13.66 -3.77
CA THR E 466 -22.27 12.72 -3.17
C THR E 466 -23.11 13.45 -2.13
N LEU E 467 -24.33 12.96 -1.92
CA LEU E 467 -25.29 13.63 -1.06
C LEU E 467 -25.45 12.97 0.30
N ASP E 468 -25.33 11.64 0.38
CA ASP E 468 -25.60 10.95 1.63
C ASP E 468 -24.58 9.87 1.98
N VAL E 469 -23.89 9.27 1.01
CA VAL E 469 -22.84 8.29 1.27
C VAL E 469 -21.50 8.98 1.10
N ASP E 470 -20.66 8.92 2.14
CA ASP E 470 -19.35 9.59 2.15
C ASP E 470 -19.48 11.06 1.75
N ALA E 471 -20.42 11.76 2.41
CA ALA E 471 -20.82 13.10 2.00
C ALA E 471 -20.54 14.13 3.09
N THR E 472 -19.53 13.89 3.92
CA THR E 472 -19.13 14.88 4.91
C THR E 472 -18.25 15.94 4.28
N TYR E 473 -17.96 16.99 5.05
CA TYR E 473 -17.05 18.04 4.62
C TYR E 473 -15.64 17.70 5.11
N GLU E 474 -14.77 17.36 4.18
CA GLU E 474 -13.40 16.93 4.51
C GLU E 474 -12.48 18.14 4.48
N ILE E 475 -12.27 18.74 5.66
CA ILE E 475 -11.44 19.93 5.76
C ILE E 475 -10.02 19.63 5.33
N ALA E 476 -9.43 20.55 4.55
CA ALA E 476 -8.01 20.50 4.17
C ALA E 476 -7.68 19.23 3.40
N LYS E 477 -8.56 18.82 2.50
CA LYS E 477 -8.39 17.54 1.82
C LYS E 477 -8.94 17.65 0.40
N ARG E 478 -8.21 17.10 -0.55
CA ARG E 478 -8.73 16.90 -1.91
C ARG E 478 -9.43 15.55 -1.90
N SER E 479 -10.75 15.56 -1.81
CA SER E 479 -11.54 14.36 -1.68
C SER E 479 -11.93 13.80 -3.05
N HIS E 480 -12.24 12.51 -3.07
CA HIS E 480 -12.81 11.86 -4.24
C HIS E 480 -14.33 11.75 -4.16
N ASN E 481 -14.93 12.19 -3.05
CA ASN E 481 -16.37 12.37 -3.00
C ASN E 481 -16.80 13.71 -3.60
N TRP E 482 -15.84 14.54 -4.00
CA TRP E 482 -16.09 15.70 -4.86
C TRP E 482 -15.29 15.46 -6.14
N LEU E 483 -15.96 15.51 -7.29
CA LEU E 483 -15.33 15.19 -8.55
C LEU E 483 -15.54 16.33 -9.55
N LYS E 484 -14.46 16.76 -10.19
CA LYS E 484 -14.55 17.76 -11.25
C LYS E 484 -14.95 17.09 -12.55
N LEU E 485 -15.95 17.65 -13.22
CA LEU E 485 -16.43 17.13 -14.49
C LEU E 485 -16.40 18.27 -15.51
N LYS E 486 -15.35 18.31 -16.32
CA LYS E 486 -15.22 19.30 -17.37
C LYS E 486 -15.66 18.74 -18.72
N LYS E 487 -15.01 17.67 -19.19
CA LYS E 487 -15.37 16.97 -20.42
C LYS E 487 -15.59 17.92 -21.59
N ASP E 488 -15.01 19.11 -21.51
CA ASP E 488 -15.24 20.16 -22.49
C ASP E 488 -14.06 21.12 -22.52
P AMP I . 15.97 -17.27 -4.11
O1P AMP I . 15.30 -15.98 -4.49
O2P AMP I . 16.07 -18.42 -5.09
O5' AMP I . 15.37 -17.76 -2.69
C5' AMP I . 15.63 -19.07 -2.21
C4' AMP I . 14.52 -19.49 -1.24
O4' AMP I . 15.09 -20.38 -0.27
C3' AMP I . 13.94 -18.31 -0.48
O3' AMP I . 12.55 -18.54 -0.29
C2' AMP I . 14.62 -18.39 0.88
O2' AMP I . 13.75 -17.90 1.91
C1' AMP I . 14.94 -19.87 1.05
N9 AMP I . 16.25 -19.96 1.74
C8 AMP I . 17.36 -20.50 1.20
N7 AMP I . 18.40 -20.43 2.08
C5 AMP I . 17.94 -19.84 3.20
C6 AMP I . 18.49 -19.44 4.52
N6 AMP I . 19.78 -19.67 4.84
N1 AMP I . 17.67 -18.85 5.40
C2 AMP I . 16.38 -18.60 5.11
N3 AMP I . 15.80 -18.93 3.94
C4 AMP I . 16.51 -19.53 2.97
P AMP J . -11.40 24.03 -11.88
O1P AMP J . -10.46 22.84 -11.95
O2P AMP J . -11.05 25.37 -12.48
O5' AMP J . -11.94 24.25 -10.36
C5' AMP J . -11.93 25.55 -9.79
C4' AMP J . -12.06 25.57 -8.26
O4' AMP J . -13.26 26.23 -7.84
C3' AMP J . -12.07 24.17 -7.67
O3' AMP J . -11.01 24.05 -6.71
C2' AMP J . -13.39 24.05 -6.95
O2' AMP J . -13.16 23.47 -5.66
C1' AMP J . -13.91 25.48 -6.82
N9 AMP J . -15.37 25.47 -7.08
C8 AMP J . -16.02 26.09 -8.09
N7 AMP J . -17.35 25.85 -8.02
C5 AMP J . -17.57 25.05 -6.95
C6 AMP J . -18.75 24.41 -6.30
N6 AMP J . -20.01 24.58 -6.79
N1 AMP J . -18.53 23.66 -5.21
C2 AMP J . -17.30 23.47 -4.71
N3 AMP J . -16.20 24.03 -5.24
C4 AMP J . -16.27 24.80 -6.34
#